data_3KRQ
#
_entry.id   3KRQ
#
_cell.length_a   54.487
_cell.length_b   81.105
_cell.length_c   73.928
_cell.angle_alpha   90.00
_cell.angle_beta   100.82
_cell.angle_gamma   90.00
#
_symmetry.space_group_name_H-M   'P 1 21 1'
#
loop_
_entity.id
_entity.type
_entity.pdbx_description
1 polymer Lactoperoxidase
2 branched alpha-D-mannopyranose-(1-4)-2-acetamido-2-deoxy-beta-D-glucopyranose-(1-4)-2-acetamido-2-deoxy-beta-D-glucopyranose
3 branched beta-D-mannopyranose-(1-4)-2-acetamido-2-deoxy-beta-D-glucopyranose-(1-4)-2-acetamido-2-deoxy-beta-D-glucopyranose
4 branched 2-acetamido-2-deoxy-alpha-D-glucopyranose-(1-4)-2-acetamido-2-deoxy-beta-D-glucopyranose
5 non-polymer 'PROTOPORPHYRIN IX CONTAINING FE'
6 non-polymer 'CALCIUM ION'
7 non-polymer 'IODIDE ION'
8 non-polymer 3-AMINO-1,2,4-TRIAZOLE
9 non-polymer (4R)-2-METHYLPENTANE-2,4-DIOL
10 non-polymer DI(HYDROXYETHYL)ETHER
11 water water
#
_entity_poly.entity_id   1
_entity_poly.type   'polypeptide(L)'
_entity_poly.pdbx_seq_one_letter_code
;SWEVGCGAPVPLVKCDENSPYRTITGDCNNRRSPALGAANRALARWLPAEYEDGLALPFGWTQRKTRNGFRVPLAREVSN
KIVGYLDEEGVLDQNRSLLFMQWGQIVDHDLDFAPETELGSNEHSKTQCEEYCIQGDNCFPIMFPKNDPKLKTQGKCMPF
FRAGFVCPTPPYQSLAREQINAVTSFLDASLVYGSEP(SEP)LASRLRNLSSPLGLMAVNQEAWDHGLAYLPFNNKKPSP
CEFINTTARVPCFLAGDFRASEQILLATAHTLLLREHNRLARELKKLNPHWNGEKLYQEARKILGAFIQIITFRDYLPIV
LGSEMQKWIPPYQGYNNSVDPRISNVFTFAFRFGHMEVPSTVSRLDENYQPWGPEAELPLHTLFFNTWRIIKDGGIDPLV
RGLLAKKSKLMNQDKMVTSELRNKLFQPTHKIHGFDLAAINLQRCRDHGMPGYNSWRGFCGLSQPKTLKGLQTVLKNKIL
AKKLMDLYKTPDNIDIWIGGNAEPMVERGRVGPLLACLLGRQFQQIRDGDRFWWENPGVFTEKQRDSLQKVSFSRLICDN
THITKVPLHAFQANNYPHDFVDCSTVDKLDLSPWASREN
;
_entity_poly.pdbx_strand_id   A
#
loop_
_chem_comp.id
_chem_comp.type
_chem_comp.name
_chem_comp.formula
3TR non-polymer 3-AMINO-1,2,4-TRIAZOLE 'C2 H4 N4'
BMA D-saccharide, beta linking beta-D-mannopyranose 'C6 H12 O6'
CA non-polymer 'CALCIUM ION' 'Ca 2'
HEM non-polymer 'PROTOPORPHYRIN IX CONTAINING FE' 'C34 H32 Fe N4 O4'
IOD non-polymer 'IODIDE ION' 'I -1'
MAN D-saccharide, alpha linking alpha-D-mannopyranose 'C6 H12 O6'
MRD non-polymer (4R)-2-METHYLPENTANE-2,4-DIOL 'C6 H14 O2'
NAG D-saccharide, beta linking 2-acetamido-2-deoxy-beta-D-glucopyranose 'C8 H15 N O6'
NDG D-saccharide, alpha linking 2-acetamido-2-deoxy-alpha-D-glucopyranose 'C8 H15 N O6'
PEG non-polymer DI(HYDROXYETHYL)ETHER 'C4 H10 O3'
#
# COMPACT_ATOMS: atom_id res chain seq x y z
N SER A 1 28.04 22.94 -9.06
CA SER A 1 28.73 21.71 -9.44
C SER A 1 27.93 20.48 -9.05
N TRP A 2 27.21 19.92 -10.02
CA TRP A 2 26.37 18.76 -9.68
C TRP A 2 27.16 17.54 -9.31
N GLU A 3 26.46 16.81 -8.47
CA GLU A 3 26.85 15.59 -7.79
C GLU A 3 26.45 14.27 -8.46
N VAL A 4 27.32 13.29 -8.27
CA VAL A 4 27.13 11.95 -8.78
C VAL A 4 26.24 11.18 -7.79
N GLY A 5 26.41 11.44 -6.49
CA GLY A 5 25.60 10.74 -5.51
C GLY A 5 25.97 10.97 -4.05
N CYS A 6 25.09 10.57 -3.14
CA CYS A 6 25.30 10.76 -1.65
C CYS A 6 25.75 9.51 -0.76
N GLY A 7 26.79 9.64 0.07
CA GLY A 7 27.31 8.41 0.75
C GLY A 7 27.42 8.35 2.33
N ALA A 8 26.22 8.11 3.08
CA ALA A 8 25.96 7.73 4.55
C ALA A 8 25.29 6.25 4.56
N PRO A 9 24.04 5.99 5.14
CA PRO A 9 23.58 4.59 5.02
C PRO A 9 23.79 3.92 3.61
N VAL A 10 24.62 2.83 3.64
CA VAL A 10 24.97 1.81 2.63
C VAL A 10 26.23 0.98 2.97
N PRO A 11 26.36 0.12 4.02
CA PRO A 11 27.57 -0.76 3.90
C PRO A 11 27.43 -1.56 2.50
N LEU A 12 28.11 -1.26 1.30
CA LEU A 12 27.75 -1.97 0.01
C LEU A 12 27.83 -3.52 0.00
N VAL A 13 26.92 -4.11 -0.79
CA VAL A 13 26.85 -5.57 -1.05
C VAL A 13 27.65 -5.88 -2.33
N LYS A 14 28.21 -7.05 -2.39
CA LYS A 14 28.79 -7.55 -3.57
C LYS A 14 27.57 -8.06 -4.29
N CYS A 15 27.66 -8.38 -5.57
CA CYS A 15 26.54 -8.99 -6.30
C CYS A 15 27.05 -10.31 -6.91
N ASP A 16 26.30 -11.42 -6.72
CA ASP A 16 26.61 -12.79 -7.14
C ASP A 16 26.74 -12.94 -8.64
N GLU A 17 25.90 -12.19 -9.28
CA GLU A 17 25.88 -12.12 -10.74
C GLU A 17 25.87 -13.48 -11.33
N ASN A 18 25.36 -14.42 -10.60
CA ASN A 18 25.16 -15.72 -11.20
C ASN A 18 23.90 -16.12 -10.64
N SER A 19 23.44 -15.29 -9.79
CA SER A 19 22.31 -15.59 -9.05
C SER A 19 20.92 -15.39 -9.60
N PRO A 20 20.39 -16.57 -9.44
CA PRO A 20 19.03 -17.05 -9.65
C PRO A 20 17.99 -16.28 -8.93
N TYR A 21 18.25 -16.09 -7.66
CA TYR A 21 17.11 -15.50 -6.96
C TYR A 21 17.37 -14.02 -6.63
N ARG A 22 16.30 -13.25 -6.51
CA ARG A 22 16.40 -11.84 -6.14
C ARG A 22 17.03 -11.76 -4.77
N THR A 23 17.70 -10.65 -4.48
CA THR A 23 18.23 -10.45 -3.14
C THR A 23 17.01 -10.04 -2.32
N ILE A 24 17.15 -9.98 -1.01
CA ILE A 24 16.05 -9.57 -0.15
C ILE A 24 15.92 -8.03 -0.22
N THR A 25 17.05 -7.34 -0.30
CA THR A 25 17.06 -5.87 -0.35
C THR A 25 16.78 -5.26 -1.70
N GLY A 26 16.57 -6.07 -2.73
CA GLY A 26 16.33 -5.48 -4.04
C GLY A 26 17.59 -5.14 -4.80
N ASP A 27 18.73 -5.03 -4.11
CA ASP A 27 20.03 -4.73 -4.74
C ASP A 27 20.39 -5.79 -5.80
N CYS A 28 21.25 -5.43 -6.75
CA CYS A 28 21.72 -6.37 -7.78
C CYS A 28 20.71 -6.77 -8.85
N ASN A 29 19.55 -6.13 -8.93
CA ASN A 29 18.56 -6.48 -9.93
C ASN A 29 19.09 -5.95 -11.26
N ASN A 30 19.53 -4.70 -11.23
CA ASN A 30 20.08 -4.10 -12.43
C ASN A 30 21.59 -4.27 -12.28
N ARG A 31 22.17 -5.02 -13.21
CA ARG A 31 23.60 -5.31 -13.17
C ARG A 31 24.57 -4.12 -13.27
N ARG A 32 24.25 -3.14 -14.10
CA ARG A 32 25.12 -1.97 -14.30
C ARG A 32 24.90 -0.87 -13.31
N SER A 33 23.85 -0.98 -12.56
CA SER A 33 23.41 0.05 -11.61
C SER A 33 22.69 -0.66 -10.47
N PRO A 34 23.55 -1.29 -9.63
CA PRO A 34 23.04 -2.16 -8.51
C PRO A 34 21.98 -1.70 -7.60
N ALA A 35 22.12 -0.51 -7.14
CA ALA A 35 21.21 -0.06 -6.14
C ALA A 35 19.83 0.32 -6.68
N LEU A 36 19.67 0.49 -7.98
CA LEU A 36 18.37 0.89 -8.52
C LEU A 36 17.21 -0.01 -8.15
N GLY A 37 16.30 0.49 -7.33
CA GLY A 37 15.14 -0.30 -6.96
C GLY A 37 15.27 -0.95 -5.60
N ALA A 38 16.45 -0.86 -5.01
CA ALA A 38 16.70 -1.45 -3.70
C ALA A 38 16.15 -0.59 -2.58
N ALA A 39 15.70 -1.29 -1.55
CA ALA A 39 15.14 -0.72 -0.34
C ALA A 39 16.10 0.26 0.29
N ASN A 40 15.55 1.11 1.15
CA ASN A 40 16.29 2.11 1.88
C ASN A 40 17.14 3.09 1.08
N ARG A 41 16.66 3.47 -0.09
CA ARG A 41 17.32 4.47 -0.94
C ARG A 41 16.24 5.54 -1.24
N ALA A 42 16.67 6.64 -1.77
CA ALA A 42 15.76 7.74 -2.08
C ALA A 42 14.65 7.39 -3.05
N LEU A 43 13.46 7.93 -2.81
CA LEU A 43 12.35 7.72 -3.73
C LEU A 43 12.79 8.51 -4.94
N ALA A 44 12.55 8.01 -6.15
CA ALA A 44 12.97 8.72 -7.36
C ALA A 44 12.18 10.01 -7.57
N ARG A 45 12.79 10.99 -8.24
CA ARG A 45 12.12 12.27 -8.52
C ARG A 45 11.79 12.45 -10.01
N TRP A 46 10.51 12.43 -10.37
CA TRP A 46 10.12 12.57 -11.77
C TRP A 46 10.15 14.05 -12.20
N LEU A 47 9.97 14.94 -11.23
CA LEU A 47 10.01 16.38 -11.45
C LEU A 47 10.75 16.83 -10.22
N PRO A 48 11.46 17.96 -10.29
CA PRO A 48 12.21 18.46 -9.13
C PRO A 48 11.30 18.74 -7.93
N ALA A 49 11.84 18.57 -6.73
CA ALA A 49 11.08 18.83 -5.52
C ALA A 49 10.69 20.30 -5.42
N GLU A 50 9.55 20.54 -4.80
CA GLU A 50 9.07 21.90 -4.62
C GLU A 50 8.78 22.13 -3.15
N TYR A 51 9.70 22.83 -2.51
CA TYR A 51 9.55 23.19 -1.09
C TYR A 51 9.37 24.70 -0.97
N GLU A 52 9.22 25.19 0.23
CA GLU A 52 9.01 26.58 0.44
C GLU A 52 10.31 27.34 0.37
N ASP A 53 11.43 26.68 0.69
CA ASP A 53 12.73 27.34 0.63
C ASP A 53 13.64 26.68 -0.39
N GLY A 54 13.04 25.97 -1.35
CA GLY A 54 13.80 25.26 -2.36
C GLY A 54 14.60 24.05 -1.90
N LEU A 55 14.74 23.87 -0.60
CA LEU A 55 15.54 22.75 -0.09
C LEU A 55 14.81 21.66 0.68
N ALA A 56 14.09 22.03 1.72
CA ALA A 56 13.43 21.00 2.53
C ALA A 56 12.17 21.47 3.27
N LEU A 57 12.04 22.78 3.45
CA LEU A 57 10.88 23.31 4.16
C LEU A 57 9.58 23.13 3.38
N PRO A 58 8.57 22.90 4.20
CA PRO A 58 7.12 22.73 3.80
C PRO A 58 6.32 23.85 3.27
N PHE A 59 5.90 23.70 2.03
CA PHE A 59 5.03 24.75 1.63
C PHE A 59 3.98 24.72 2.73
N GLY A 60 3.75 25.87 3.35
CA GLY A 60 2.78 25.98 4.44
C GLY A 60 3.45 25.94 5.82
N TRP A 61 4.77 25.83 5.84
CA TRP A 61 5.52 25.79 7.07
C TRP A 61 5.62 27.18 7.68
N THR A 62 5.92 28.18 6.86
CA THR A 62 6.02 29.55 7.34
C THR A 62 4.76 30.35 7.00
N GLN A 63 4.16 31.00 8.01
CA GLN A 63 2.92 31.74 7.80
C GLN A 63 3.00 32.66 6.58
N ARG A 64 4.12 33.35 6.44
CA ARG A 64 4.28 34.42 5.44
C ARG A 64 4.71 34.02 4.04
N LYS A 65 5.18 32.79 3.85
CA LYS A 65 5.62 32.34 2.55
C LYS A 65 4.52 31.72 1.75
N THR A 66 4.10 32.41 0.73
CA THR A 66 3.01 31.95 -0.15
C THR A 66 3.52 30.99 -1.23
N ARG A 67 2.59 30.31 -1.90
CA ARG A 67 2.93 29.44 -3.03
C ARG A 67 2.27 30.18 -4.18
N ASN A 68 3.09 30.68 -5.11
CA ASN A 68 2.63 31.44 -6.27
C ASN A 68 1.74 32.61 -5.86
N GLY A 69 2.08 33.23 -4.74
CA GLY A 69 1.32 34.38 -4.27
C GLY A 69 0.14 34.13 -3.33
N PHE A 70 -0.17 32.87 -3.04
CA PHE A 70 -1.29 32.56 -2.14
C PHE A 70 -0.93 31.66 -1.00
N ARG A 71 -1.52 31.91 0.16
CA ARG A 71 -1.41 31.02 1.30
C ARG A 71 -1.99 29.64 0.97
N VAL A 72 -1.49 28.61 1.66
CA VAL A 72 -1.73 27.23 1.25
C VAL A 72 -2.55 26.49 2.29
N PRO A 73 -3.84 26.29 2.00
CA PRO A 73 -4.84 26.06 3.05
C PRO A 73 -4.45 24.91 3.96
N LEU A 74 -4.89 24.97 5.22
CA LEU A 74 -4.61 23.90 6.18
C LEU A 74 -5.14 22.58 5.65
N ALA A 75 -4.36 21.53 5.87
CA ALA A 75 -4.72 20.18 5.41
C ALA A 75 -6.05 19.72 5.98
N ARG A 76 -6.28 20.00 7.26
CA ARG A 76 -7.53 19.60 7.89
C ARG A 76 -8.71 20.46 7.40
N GLU A 77 -8.41 21.66 6.89
CA GLU A 77 -9.47 22.54 6.35
C GLU A 77 -9.92 21.99 4.98
N VAL A 78 -8.96 21.53 4.17
CA VAL A 78 -9.29 20.95 2.85
C VAL A 78 -10.06 19.69 3.11
N SER A 79 -9.63 18.97 4.14
CA SER A 79 -10.28 17.74 4.52
C SER A 79 -11.76 17.98 4.90
N ASN A 80 -12.01 18.89 5.82
CA ASN A 80 -13.39 19.17 6.25
C ASN A 80 -14.28 19.63 5.10
N LYS A 81 -13.86 20.69 4.44
CA LYS A 81 -14.66 21.36 3.43
C LYS A 81 -14.91 20.57 2.15
N ILE A 82 -14.02 19.63 1.83
CA ILE A 82 -14.05 18.87 0.58
C ILE A 82 -14.15 17.38 0.69
N VAL A 83 -13.28 16.82 1.51
CA VAL A 83 -13.14 15.35 1.63
C VAL A 83 -14.24 14.60 2.34
N GLY A 84 -14.78 15.16 3.41
CA GLY A 84 -15.84 14.50 4.18
C GLY A 84 -17.29 14.45 3.70
N TYR A 85 -18.06 13.59 4.37
CA TYR A 85 -19.49 13.40 4.09
C TYR A 85 -20.18 12.63 5.24
N LEU A 86 -21.49 12.84 5.40
CA LEU A 86 -22.25 12.19 6.48
C LEU A 86 -22.88 10.86 6.15
N ASP A 87 -23.57 10.82 5.02
CA ASP A 87 -24.33 9.67 4.58
C ASP A 87 -23.63 8.55 3.81
N GLU A 88 -23.51 7.40 4.45
CA GLU A 88 -22.87 6.23 3.84
C GLU A 88 -23.81 5.43 2.92
N GLU A 89 -25.09 5.80 2.87
CA GLU A 89 -26.04 5.13 1.99
C GLU A 89 -25.69 5.40 0.53
N GLY A 90 -25.74 4.36 -0.30
CA GLY A 90 -25.46 4.48 -1.72
C GLY A 90 -24.04 4.71 -2.21
N VAL A 91 -23.06 4.72 -1.30
CA VAL A 91 -21.68 4.96 -1.70
C VAL A 91 -20.93 3.73 -2.20
N LEU A 92 -21.56 2.56 -2.15
CA LEU A 92 -20.89 1.33 -2.57
C LEU A 92 -20.69 1.17 -4.07
N ASP A 93 -19.65 0.41 -4.40
CA ASP A 93 -19.27 0.11 -5.77
C ASP A 93 -19.99 -1.14 -6.25
N GLN A 94 -20.94 -0.94 -7.16
CA GLN A 94 -21.72 -2.05 -7.70
C GLN A 94 -20.92 -3.06 -8.53
N ASN A 95 -19.66 -2.77 -8.85
CA ASN A 95 -18.90 -3.74 -9.62
C ASN A 95 -17.42 -3.94 -9.21
N ARG A 96 -17.16 -3.84 -7.91
CA ARG A 96 -15.83 -4.08 -7.33
C ARG A 96 -16.04 -4.68 -5.93
N SER A 97 -15.52 -5.88 -5.70
CA SER A 97 -15.63 -6.54 -4.40
C SER A 97 -14.78 -5.76 -3.40
N LEU A 98 -14.81 -6.13 -2.12
CA LEU A 98 -14.00 -5.43 -1.14
C LEU A 98 -12.53 -5.83 -1.29
N LEU A 99 -12.30 -6.91 -2.06
CA LEU A 99 -10.95 -7.41 -2.31
C LEU A 99 -10.25 -6.43 -3.24
N PHE A 100 -11.03 -5.76 -4.08
CA PHE A 100 -10.49 -4.77 -5.02
C PHE A 100 -9.68 -3.75 -4.21
N MET A 101 -10.32 -3.17 -3.21
CA MET A 101 -9.66 -2.21 -2.33
C MET A 101 -8.47 -2.89 -1.62
N GLN A 102 -8.68 -4.10 -1.11
CA GLN A 102 -7.62 -4.78 -0.36
C GLN A 102 -6.33 -5.12 -1.14
N TRP A 103 -6.47 -5.62 -2.36
CA TRP A 103 -5.29 -5.95 -3.15
C TRP A 103 -4.51 -4.66 -3.34
N GLY A 104 -5.25 -3.58 -3.54
CA GLY A 104 -4.62 -2.30 -3.72
C GLY A 104 -3.63 -1.95 -2.62
N GLN A 105 -4.02 -2.15 -1.36
CA GLN A 105 -3.15 -1.83 -0.22
C GLN A 105 -1.99 -2.83 -0.15
N ILE A 106 -2.29 -4.07 -0.49
CA ILE A 106 -1.29 -5.13 -0.50
C ILE A 106 -0.19 -4.73 -1.52
N VAL A 107 -0.59 -4.51 -2.77
CA VAL A 107 0.36 -4.13 -3.81
C VAL A 107 1.12 -2.89 -3.38
N ASP A 108 0.41 -1.90 -2.89
CA ASP A 108 1.05 -0.69 -2.44
C ASP A 108 2.11 -0.97 -1.37
N HIS A 109 1.81 -1.87 -0.44
CA HIS A 109 2.77 -2.19 0.59
C HIS A 109 3.95 -2.97 0.07
N ASP A 110 3.76 -3.64 -1.06
CA ASP A 110 4.87 -4.37 -1.64
C ASP A 110 5.83 -3.33 -2.21
N LEU A 111 5.28 -2.26 -2.77
CA LEU A 111 6.10 -1.24 -3.43
C LEU A 111 6.78 -0.09 -2.70
N ASP A 112 6.11 0.56 -1.75
CA ASP A 112 6.70 1.70 -1.06
C ASP A 112 6.24 1.91 0.41
N PHE A 113 7.12 2.49 1.21
CA PHE A 113 6.95 2.85 2.63
C PHE A 113 7.95 3.96 2.97
N ALA A 114 7.47 5.12 3.32
CA ALA A 114 8.32 6.23 3.75
C ALA A 114 8.05 6.52 5.20
N PRO A 115 8.75 5.80 6.10
CA PRO A 115 8.49 5.95 7.57
C PRO A 115 8.59 7.37 8.07
N GLU A 116 8.43 7.59 9.39
CA GLU A 116 8.68 8.92 9.92
C GLU A 116 10.07 8.96 10.52
N THR A 117 10.58 10.14 10.76
CA THR A 117 12.01 10.23 11.10
C THR A 117 12.59 9.36 12.18
N GLU A 118 13.48 8.43 11.84
CA GLU A 118 14.11 7.51 12.82
C GLU A 118 14.50 8.23 14.14
N LEU A 119 14.70 9.53 14.13
CA LEU A 119 15.05 10.24 15.38
C LEU A 119 13.88 10.22 16.37
N GLY A 120 13.78 9.11 17.09
CA GLY A 120 12.79 8.84 18.10
C GLY A 120 13.28 7.68 19.00
N SER A 121 14.43 7.87 19.64
CA SER A 121 15.10 6.89 20.53
C SER A 121 15.43 7.45 21.95
N ASN A 122 14.28 7.49 22.79
CA ASN A 122 13.85 7.99 24.24
C ASN A 122 13.97 9.53 24.36
N GLU A 123 13.02 10.20 23.62
CA GLU A 123 12.88 11.67 23.52
C GLU A 123 11.44 12.15 23.88
N HIS A 124 11.29 13.39 24.35
CA HIS A 124 9.94 13.94 24.58
C HIS A 124 9.53 14.74 23.38
N SER A 125 10.44 14.96 22.42
CA SER A 125 10.09 15.81 21.28
C SER A 125 8.84 15.28 20.62
N LYS A 126 8.56 14.03 20.83
CA LYS A 126 7.34 13.43 20.31
C LYS A 126 6.15 13.82 21.21
N THR A 127 6.41 13.82 22.53
CA THR A 127 5.34 14.16 23.43
C THR A 127 5.12 15.69 23.43
N GLN A 128 6.19 16.47 23.41
CA GLN A 128 6.08 17.91 23.25
C GLN A 128 5.34 18.28 21.96
N CYS A 129 5.57 17.48 20.93
CA CYS A 129 4.98 17.74 19.60
C CYS A 129 3.51 17.48 19.79
N GLU A 130 3.25 16.33 20.39
CA GLU A 130 1.91 15.87 20.67
C GLU A 130 1.12 16.86 21.53
N GLU A 131 1.72 17.29 22.64
CA GLU A 131 1.04 18.16 23.64
C GLU A 131 0.81 19.66 23.35
N TYR A 132 1.80 20.44 22.96
CA TYR A 132 1.56 21.87 22.81
C TYR A 132 1.55 22.42 21.37
N CYS A 133 1.42 21.52 20.39
CA CYS A 133 1.35 21.86 18.96
C CYS A 133 2.44 22.85 18.49
N ILE A 134 3.65 22.65 19.00
CA ILE A 134 4.82 23.48 18.69
C ILE A 134 5.53 22.94 17.45
N GLN A 135 5.35 23.60 16.31
CA GLN A 135 6.02 23.18 15.07
C GLN A 135 7.53 23.43 15.20
N GLY A 136 8.35 22.49 14.70
CA GLY A 136 9.79 22.67 14.77
C GLY A 136 10.56 21.42 14.38
N ASP A 137 11.57 21.57 13.51
CA ASP A 137 12.31 20.42 13.07
C ASP A 137 11.36 19.39 12.51
N ASN A 138 11.48 18.14 12.89
CA ASN A 138 10.58 17.17 12.26
C ASN A 138 9.14 17.10 12.81
N CYS A 139 8.80 17.92 13.79
CA CYS A 139 7.42 17.96 14.26
C CYS A 139 6.70 19.03 13.40
N PHE A 140 5.70 18.59 12.66
CA PHE A 140 4.96 19.44 11.74
C PHE A 140 3.47 19.10 11.94
N PRO A 141 2.91 19.49 13.09
CA PRO A 141 1.51 19.22 13.44
C PRO A 141 0.46 19.71 12.46
N ILE A 142 -0.64 18.96 12.40
CA ILE A 142 -1.74 19.32 11.54
C ILE A 142 -2.65 20.18 12.41
N MET A 143 -2.63 21.48 12.17
CA MET A 143 -3.43 22.44 12.91
C MET A 143 -4.91 22.37 12.52
N PHE A 144 -5.79 22.50 13.50
CA PHE A 144 -7.23 22.48 13.23
C PHE A 144 -7.68 23.87 12.77
N PRO A 145 -8.60 23.95 11.80
CA PRO A 145 -9.06 25.27 11.37
C PRO A 145 -10.15 25.72 12.35
N LYS A 146 -10.49 27.00 12.34
CA LYS A 146 -11.55 27.49 13.23
C LYS A 146 -12.84 26.77 12.87
N ASN A 147 -13.75 26.62 13.83
CA ASN A 147 -15.03 25.95 13.62
C ASN A 147 -14.89 24.44 13.43
N ASP A 148 -13.69 23.91 13.64
CA ASP A 148 -13.47 22.48 13.49
C ASP A 148 -13.93 21.80 14.75
N PRO A 149 -14.89 20.87 14.62
CA PRO A 149 -15.46 20.13 15.75
C PRO A 149 -14.41 19.55 16.68
N LYS A 150 -13.31 19.05 16.13
CA LYS A 150 -12.27 18.45 16.95
C LYS A 150 -11.65 19.38 17.98
N LEU A 151 -11.85 20.68 17.80
CA LEU A 151 -11.32 21.64 18.74
C LEU A 151 -12.05 21.50 20.07
N LYS A 152 -13.36 21.24 20.00
CA LYS A 152 -14.17 21.10 21.21
C LYS A 152 -13.73 19.89 22.01
N THR A 153 -13.07 18.94 21.37
CA THR A 153 -12.77 17.72 22.08
C THR A 153 -11.39 17.08 22.05
N GLN A 154 -10.56 17.50 21.12
CA GLN A 154 -9.25 16.88 20.99
C GLN A 154 -8.08 17.79 21.32
N GLY A 155 -8.25 19.08 21.06
CA GLY A 155 -7.17 20.01 21.32
C GLY A 155 -6.98 20.94 20.14
N LYS A 156 -5.73 21.39 19.89
CA LYS A 156 -5.54 22.34 18.78
C LYS A 156 -4.92 21.69 17.51
N CYS A 157 -4.36 20.51 17.58
CA CYS A 157 -3.76 19.94 16.39
C CYS A 157 -3.72 18.43 16.45
N MET A 158 -3.21 17.83 15.40
CA MET A 158 -3.10 16.37 15.23
C MET A 158 -1.66 16.05 15.01
N PRO A 159 -1.09 14.99 15.63
CA PRO A 159 0.34 14.72 15.43
C PRO A 159 0.75 14.58 13.98
N PHE A 160 1.99 14.80 13.69
CA PHE A 160 2.51 14.54 12.37
C PHE A 160 4.01 14.77 12.39
N PHE A 161 4.73 13.78 11.92
CA PHE A 161 6.17 13.82 11.88
C PHE A 161 6.70 13.61 10.48
N ARG A 162 7.53 14.54 10.04
CA ARG A 162 8.08 14.47 8.69
C ARG A 162 8.75 13.13 8.38
N ALA A 163 8.64 12.75 7.11
CA ALA A 163 9.20 11.50 6.57
C ALA A 163 10.72 11.41 6.61
N GLY A 164 11.23 10.19 6.71
CA GLY A 164 12.66 9.92 6.73
C GLY A 164 13.31 10.36 5.41
N PHE A 165 14.44 11.04 5.58
CA PHE A 165 15.16 11.45 4.42
C PHE A 165 16.54 10.92 4.49
N VAL A 166 17.20 11.05 3.35
CA VAL A 166 18.50 10.44 3.11
C VAL A 166 19.79 11.26 3.51
N CYS A 167 20.82 10.55 4.07
CA CYS A 167 22.02 11.23 4.54
C CYS A 167 21.46 12.01 5.65
N PRO A 168 21.56 11.34 6.77
CA PRO A 168 21.08 11.14 8.18
C PRO A 168 19.59 11.09 8.40
N THR A 169 19.34 11.19 9.64
CA THR A 169 18.07 11.16 10.13
C THR A 169 17.85 12.54 10.93
N PRO A 170 19.00 13.16 11.48
CA PRO A 170 19.22 14.52 12.22
C PRO A 170 19.42 15.83 11.29
N PRO A 171 20.75 16.41 11.18
CA PRO A 171 21.25 17.58 10.22
C PRO A 171 21.47 17.44 8.61
N TYR A 172 20.78 18.22 7.79
CA TYR A 172 21.13 18.36 6.39
C TYR A 172 20.36 19.51 5.73
N GLN A 173 20.96 19.91 4.62
CA GLN A 173 20.55 21.18 4.07
C GLN A 173 20.90 21.45 2.61
N SER A 174 22.19 21.31 2.27
CA SER A 174 22.81 21.69 0.96
C SER A 174 22.20 21.34 -0.43
N LEU A 175 21.28 20.44 -0.56
CA LEU A 175 20.58 20.23 -1.83
C LEU A 175 19.14 19.88 -1.41
N ALA A 176 18.24 19.63 -2.39
CA ALA A 176 16.82 19.39 -2.09
C ALA A 176 16.60 18.11 -1.30
N ARG A 177 15.69 18.14 -0.29
CA ARG A 177 15.43 16.94 0.57
C ARG A 177 14.80 15.73 -0.11
N GLU A 178 15.35 14.54 0.07
CA GLU A 178 14.79 13.35 -0.59
C GLU A 178 14.38 12.28 0.39
N GLN A 179 13.10 11.92 0.37
CA GLN A 179 12.57 10.90 1.29
C GLN A 179 12.97 9.46 0.89
N ILE A 180 13.04 8.60 1.90
CA ILE A 180 13.44 7.22 1.76
C ILE A 180 12.35 6.18 1.44
N ASN A 181 12.65 5.23 0.54
CA ASN A 181 11.73 4.15 0.28
C ASN A 181 12.33 2.93 0.99
N ALA A 182 11.73 2.52 2.10
CA ALA A 182 12.22 1.40 2.90
C ALA A 182 11.95 -0.03 2.42
N VAL A 183 11.21 -0.20 1.33
CA VAL A 183 10.99 -1.56 0.81
C VAL A 183 11.48 -1.57 -0.64
N THR A 184 11.58 -2.74 -1.23
CA THR A 184 12.04 -2.84 -2.61
C THR A 184 10.97 -2.36 -3.59
N SER A 185 11.39 -1.71 -4.67
CA SER A 185 10.46 -1.18 -5.68
C SER A 185 9.86 -2.23 -6.58
N PHE A 186 10.50 -3.40 -6.62
CA PHE A 186 10.02 -4.50 -7.44
C PHE A 186 8.79 -5.16 -6.83
N LEU A 187 7.92 -5.70 -7.68
CA LEU A 187 6.81 -6.52 -7.24
C LEU A 187 7.26 -7.94 -6.93
N ASP A 188 7.61 -8.20 -5.68
CA ASP A 188 8.52 -9.28 -5.32
C ASP A 188 8.12 -9.93 -4.01
N ALA A 189 6.91 -9.66 -3.56
CA ALA A 189 6.46 -10.09 -2.20
C ALA A 189 7.35 -9.64 -1.04
N SER A 190 7.93 -8.44 -1.11
CA SER A 190 8.76 -8.01 0.03
C SER A 190 7.89 -7.83 1.28
N LEU A 191 6.56 -7.76 1.06
CA LEU A 191 5.67 -7.58 2.20
C LEU A 191 5.50 -8.87 2.95
N VAL A 192 5.88 -9.95 2.31
CA VAL A 192 5.77 -11.25 2.95
C VAL A 192 7.11 -11.66 3.48
N TYR A 193 8.16 -11.47 2.70
CA TYR A 193 9.51 -11.91 3.13
C TYR A 193 10.39 -10.87 3.80
N GLY A 194 10.11 -9.60 3.53
CA GLY A 194 10.86 -8.56 4.20
C GLY A 194 11.85 -7.88 3.31
N SER A 195 12.30 -6.69 3.73
CA SER A 195 13.23 -5.95 2.89
C SER A 195 14.63 -5.77 3.53
N GLU A 196 14.82 -6.12 4.79
CA GLU A 196 16.14 -6.21 5.38
C GLU A 196 16.48 -7.63 5.73
N PRO A 197 17.75 -7.86 5.93
CA PRO A 197 18.25 -9.08 6.58
C PRO A 197 17.86 -9.50 8.01
N SEP A 198 17.95 -8.72 9.10
CA SEP A 198 17.30 -9.09 10.38
CB SEP A 198 16.76 -7.90 11.23
OG SEP A 198 15.82 -8.28 12.31
C SEP A 198 16.11 -9.86 9.92
O SEP A 198 15.94 -11.00 10.23
P SEP A 198 14.38 -7.56 12.73
O1P SEP A 198 14.39 -6.97 14.15
O2P SEP A 198 13.25 -8.60 12.82
O3P SEP A 198 13.78 -6.35 11.94
N LEU A 199 15.27 -9.17 9.17
CA LEU A 199 13.88 -9.44 9.23
C LEU A 199 13.53 -10.69 8.50
N ALA A 200 13.83 -10.75 7.22
CA ALA A 200 13.73 -12.01 6.49
C ALA A 200 14.12 -13.25 7.26
N SER A 201 15.36 -13.27 7.77
CA SER A 201 15.95 -14.50 8.29
C SER A 201 15.15 -15.02 9.47
N ARG A 202 14.42 -14.11 10.08
CA ARG A 202 13.83 -14.22 11.38
C ARG A 202 12.33 -14.47 11.32
N LEU A 203 11.72 -14.12 10.21
CA LEU A 203 10.43 -14.64 9.78
C LEU A 203 10.53 -16.12 9.43
N ARG A 204 11.73 -16.57 9.08
CA ARG A 204 11.93 -17.92 8.56
C ARG A 204 11.98 -18.93 9.70
N ASN A 205 11.62 -20.18 9.40
CA ASN A 205 11.68 -21.24 10.38
C ASN A 205 12.94 -22.00 9.98
N LEU A 206 14.00 -21.77 10.72
CA LEU A 206 15.25 -22.43 10.42
C LEU A 206 15.49 -23.67 11.28
N SER A 207 14.66 -24.06 12.19
CA SER A 207 15.04 -25.30 12.94
C SER A 207 14.96 -26.66 12.10
N SER A 208 14.09 -26.58 10.97
CA SER A 208 13.67 -27.61 9.91
C SER A 208 13.89 -27.20 8.40
N PRO A 209 14.77 -28.04 7.85
CA PRO A 209 15.32 -27.96 6.46
C PRO A 209 14.25 -27.91 5.35
N LEU A 210 13.06 -27.44 5.70
CA LEU A 210 11.91 -27.41 4.81
C LEU A 210 11.58 -25.99 4.28
N GLY A 211 12.35 -24.98 4.65
CA GLY A 211 12.16 -23.62 4.19
C GLY A 211 10.74 -23.05 4.46
N LEU A 212 10.16 -23.37 5.60
CA LEU A 212 8.87 -22.83 5.97
C LEU A 212 9.08 -21.44 6.52
N MET A 213 8.02 -20.65 6.50
CA MET A 213 8.03 -19.34 7.10
C MET A 213 7.57 -19.66 8.50
N ALA A 214 8.17 -19.01 9.50
CA ALA A 214 7.81 -19.24 10.89
C ALA A 214 6.32 -18.93 11.11
N VAL A 215 5.63 -19.77 11.87
CA VAL A 215 4.22 -19.52 12.15
C VAL A 215 3.97 -19.31 13.63
N ASN A 216 2.75 -18.88 13.95
CA ASN A 216 2.34 -18.62 15.33
C ASN A 216 2.33 -19.98 16.04
N GLN A 217 2.92 -20.00 17.19
CA GLN A 217 2.90 -21.25 17.91
C GLN A 217 1.81 -21.15 18.95
N GLU A 218 1.14 -19.99 19.05
CA GLU A 218 0.16 -19.84 20.12
C GLU A 218 -1.29 -19.63 19.71
N ALA A 219 -1.58 -20.08 18.52
CA ALA A 219 -2.89 -19.97 18.02
C ALA A 219 -3.00 -20.58 16.64
N TRP A 220 -4.11 -21.23 16.44
CA TRP A 220 -4.50 -22.00 15.26
C TRP A 220 -5.81 -21.52 14.64
N ASP A 221 -5.96 -21.62 13.32
CA ASP A 221 -7.21 -21.26 12.66
C ASP A 221 -7.81 -22.56 12.13
N HIS A 222 -8.55 -23.24 12.99
CA HIS A 222 -9.12 -24.53 12.65
C HIS A 222 -8.04 -25.34 11.96
N GLY A 223 -6.89 -25.45 12.61
CA GLY A 223 -5.79 -26.19 12.04
C GLY A 223 -4.91 -25.38 11.09
N LEU A 224 -5.38 -24.19 10.68
CA LEU A 224 -4.59 -23.39 9.76
C LEU A 224 -3.74 -22.31 10.46
N ALA A 225 -2.56 -22.05 9.91
CA ALA A 225 -1.62 -21.09 10.49
C ALA A 225 -1.94 -19.59 10.46
N TYR A 226 -1.35 -18.90 11.43
CA TYR A 226 -1.45 -17.45 11.65
C TYR A 226 -0.01 -16.96 11.64
N LEU A 227 0.19 -15.69 11.25
CA LEU A 227 1.53 -15.15 11.27
C LEU A 227 1.93 -15.10 12.74
N PRO A 228 3.24 -15.03 13.04
CA PRO A 228 3.73 -14.97 14.43
C PRO A 228 3.35 -13.62 15.02
N PHE A 229 3.39 -13.53 16.32
CA PHE A 229 3.11 -12.28 17.01
C PHE A 229 4.32 -11.35 16.96
N ASN A 230 4.15 -10.05 17.18
CA ASN A 230 5.28 -9.12 17.18
C ASN A 230 5.90 -9.02 18.56
N ASN A 231 6.94 -8.15 18.63
CA ASN A 231 7.77 -7.95 19.86
C ASN A 231 7.92 -6.50 20.55
N LYS A 232 7.15 -5.39 20.24
CA LYS A 232 7.47 -3.99 20.78
C LYS A 232 7.04 -3.56 22.26
N LYS A 233 7.78 -2.53 22.75
CA LYS A 233 7.40 -1.81 23.95
C LYS A 233 6.25 -1.23 23.15
N PRO A 234 5.06 -0.91 23.58
CA PRO A 234 3.79 -0.48 22.86
C PRO A 234 3.31 -1.29 21.60
N SER A 235 2.71 -2.49 21.79
CA SER A 235 2.11 -3.04 20.58
C SER A 235 0.72 -2.40 20.50
N PRO A 236 0.44 -1.87 19.31
CA PRO A 236 -0.84 -1.16 18.98
C PRO A 236 -2.10 -1.89 19.15
N CYS A 237 -1.91 -3.10 18.82
CA CYS A 237 -2.93 -4.10 18.77
C CYS A 237 -3.29 -4.52 20.19
N GLU A 238 -2.28 -4.63 21.01
CA GLU A 238 -2.62 -4.90 22.35
C GLU A 238 -3.33 -3.71 22.93
N PHE A 239 -2.90 -2.52 22.52
CA PHE A 239 -3.32 -1.29 23.17
C PHE A 239 -4.81 -1.06 23.02
N ILE A 240 -5.33 -1.36 21.83
CA ILE A 240 -6.75 -1.13 21.53
C ILE A 240 -7.67 -2.05 22.35
N ASN A 241 -7.11 -3.06 23.00
CA ASN A 241 -7.87 -3.93 23.89
C ASN A 241 -6.93 -4.59 24.88
N THR A 242 -6.72 -3.91 26.02
CA THR A 242 -5.83 -4.40 27.05
C THR A 242 -6.28 -5.68 27.77
N THR A 243 -7.55 -6.02 27.66
CA THR A 243 -8.06 -7.24 28.30
C THR A 243 -7.62 -8.45 27.47
N ALA A 244 -7.89 -8.37 26.17
CA ALA A 244 -7.56 -9.44 25.23
C ALA A 244 -6.05 -9.67 25.13
N ARG A 245 -5.21 -8.67 25.28
CA ARG A 245 -3.77 -8.93 25.22
C ARG A 245 -3.31 -9.61 23.90
N VAL A 246 -3.90 -9.29 22.73
CA VAL A 246 -3.41 -9.98 21.53
C VAL A 246 -2.43 -9.06 20.79
N PRO A 247 -1.21 -9.54 20.55
CA PRO A 247 -0.20 -8.74 19.84
C PRO A 247 -0.48 -8.54 18.36
N CYS A 248 0.23 -7.60 17.75
CA CYS A 248 0.12 -7.37 16.31
C CYS A 248 0.89 -8.54 15.71
N PHE A 249 0.76 -8.75 14.40
CA PHE A 249 1.45 -9.84 13.73
C PHE A 249 2.83 -9.41 13.21
N LEU A 250 3.68 -10.38 12.91
CA LEU A 250 5.01 -10.11 12.39
C LEU A 250 5.03 -10.55 10.94
N ALA A 251 5.22 -9.59 10.05
CA ALA A 251 5.22 -9.89 8.61
C ALA A 251 6.47 -9.27 7.98
N GLY A 252 6.68 -9.44 6.66
CA GLY A 252 7.84 -8.82 6.05
C GLY A 252 7.62 -7.32 6.05
N ASP A 253 6.38 -6.92 5.98
CA ASP A 253 6.11 -5.50 6.02
C ASP A 253 5.56 -5.11 7.36
N PHE A 254 6.06 -3.97 7.81
CA PHE A 254 5.76 -3.31 9.05
C PHE A 254 4.28 -3.03 9.40
N ARG A 255 3.51 -2.63 8.39
CA ARG A 255 2.12 -2.23 8.55
C ARG A 255 1.05 -3.34 8.56
N ALA A 256 1.51 -4.57 8.48
CA ALA A 256 0.67 -5.76 8.42
C ALA A 256 -0.66 -5.76 9.20
N SER A 257 -0.66 -5.23 10.41
CA SER A 257 -1.87 -5.22 11.24
C SER A 257 -2.61 -3.90 11.35
N GLU A 258 -2.29 -2.93 10.51
CA GLU A 258 -3.03 -1.68 10.46
C GLU A 258 -4.50 -1.85 10.34
N GLN A 259 -4.95 -2.86 9.68
CA GLN A 259 -6.34 -3.14 9.69
C GLN A 259 -6.61 -4.58 9.41
N ILE A 260 -7.73 -5.09 9.86
CA ILE A 260 -7.93 -6.49 10.00
C ILE A 260 -8.01 -7.22 8.70
N LEU A 261 -8.41 -6.52 7.65
CA LEU A 261 -8.49 -7.18 6.36
C LEU A 261 -7.11 -7.15 5.68
N LEU A 262 -6.21 -6.31 6.16
CA LEU A 262 -4.87 -6.32 5.58
C LEU A 262 -4.13 -7.50 6.25
N ALA A 263 -4.26 -7.63 7.58
CA ALA A 263 -3.62 -8.76 8.30
C ALA A 263 -4.12 -10.08 7.73
N THR A 264 -5.39 -10.08 7.35
CA THR A 264 -6.03 -11.25 6.79
C THR A 264 -5.38 -11.70 5.49
N ALA A 265 -5.15 -10.76 4.58
CA ALA A 265 -4.51 -11.05 3.29
C ALA A 265 -3.06 -11.46 3.49
N HIS A 266 -2.41 -10.88 4.49
CA HIS A 266 -1.06 -11.27 4.86
C HIS A 266 -1.03 -12.71 5.38
N THR A 267 -1.85 -13.00 6.37
CA THR A 267 -2.08 -14.37 6.81
C THR A 267 -2.29 -15.29 5.62
N LEU A 268 -2.99 -14.80 4.59
CA LEU A 268 -3.31 -15.60 3.43
C LEU A 268 -2.07 -15.96 2.63
N LEU A 269 -1.22 -14.96 2.40
CA LEU A 269 -0.05 -15.15 1.54
C LEU A 269 1.01 -16.01 2.22
N LEU A 270 1.07 -15.92 3.55
CA LEU A 270 2.06 -16.67 4.31
C LEU A 270 1.75 -18.17 4.30
N ARG A 271 0.47 -18.50 4.23
CA ARG A 271 0.05 -19.88 4.03
C ARG A 271 0.42 -20.38 2.64
N GLU A 272 0.24 -19.55 1.63
CA GLU A 272 0.60 -19.97 0.29
C GLU A 272 2.07 -20.36 0.25
N HIS A 273 2.93 -19.63 0.99
CA HIS A 273 4.35 -19.97 0.98
C HIS A 273 4.58 -21.37 1.53
N ASN A 274 4.13 -21.59 2.76
CA ASN A 274 4.31 -22.89 3.38
C ASN A 274 3.61 -24.00 2.60
N ARG A 275 2.52 -23.68 1.93
CA ARG A 275 1.83 -24.71 1.15
C ARG A 275 2.69 -25.05 -0.04
N LEU A 276 3.30 -24.04 -0.65
CA LEU A 276 4.15 -24.31 -1.78
C LEU A 276 5.37 -25.07 -1.32
N ALA A 277 5.98 -24.61 -0.23
CA ALA A 277 7.16 -25.27 0.32
C ALA A 277 6.91 -26.71 0.73
N ARG A 278 5.68 -27.03 1.13
CA ARG A 278 5.36 -28.40 1.54
C ARG A 278 5.14 -29.29 0.33
N GLU A 279 4.47 -28.76 -0.69
CA GLU A 279 4.24 -29.55 -1.90
C GLU A 279 5.55 -29.67 -2.66
N LEU A 280 6.51 -28.82 -2.33
CA LEU A 280 7.81 -28.83 -2.99
C LEU A 280 8.76 -29.86 -2.37
N LYS A 281 8.50 -30.24 -1.13
CA LYS A 281 9.30 -31.23 -0.43
C LYS A 281 8.80 -32.60 -0.89
N LYS A 282 7.48 -32.69 -1.04
CA LYS A 282 6.84 -33.91 -1.49
C LYS A 282 7.35 -34.23 -2.90
N LEU A 283 7.52 -33.21 -3.73
CA LEU A 283 7.94 -33.41 -5.10
C LEU A 283 9.46 -33.54 -5.19
N ASN A 284 10.16 -32.93 -4.24
CA ASN A 284 11.62 -32.91 -4.25
C ASN A 284 12.21 -33.13 -2.86
N PRO A 285 12.38 -34.40 -2.49
CA PRO A 285 12.76 -34.76 -1.13
C PRO A 285 14.22 -34.40 -0.82
N HIS A 286 14.97 -34.05 -1.86
CA HIS A 286 16.40 -33.76 -1.70
C HIS A 286 16.71 -32.29 -1.52
N TRP A 287 15.86 -31.43 -2.09
CA TRP A 287 16.05 -29.98 -1.99
C TRP A 287 16.12 -29.58 -0.52
N ASN A 288 17.12 -28.77 -0.17
CA ASN A 288 17.26 -28.33 1.21
C ASN A 288 16.36 -27.14 1.54
N GLY A 289 16.39 -26.73 2.80
CA GLY A 289 15.58 -25.61 3.25
C GLY A 289 15.66 -24.31 2.47
N GLU A 290 16.87 -23.81 2.23
CA GLU A 290 17.01 -22.56 1.49
C GLU A 290 16.44 -22.70 0.07
N LYS A 291 16.64 -23.86 -0.56
CA LYS A 291 16.11 -24.08 -1.92
C LYS A 291 14.58 -24.12 -1.90
N LEU A 292 14.00 -24.71 -0.86
CA LEU A 292 12.55 -24.76 -0.75
C LEU A 292 12.06 -23.31 -0.52
N TYR A 293 12.63 -22.63 0.47
CA TYR A 293 12.28 -21.24 0.77
C TYR A 293 12.29 -20.37 -0.50
N GLN A 294 13.48 -20.24 -1.10
CA GLN A 294 13.69 -19.42 -2.29
C GLN A 294 12.83 -19.77 -3.52
N GLU A 295 12.44 -21.04 -3.68
CA GLU A 295 11.64 -21.35 -4.87
C GLU A 295 10.15 -21.13 -4.56
N ALA A 296 9.78 -21.14 -3.28
CA ALA A 296 8.38 -20.89 -2.86
C ALA A 296 8.23 -19.40 -2.99
N ARG A 297 9.23 -18.69 -2.46
CA ARG A 297 9.28 -17.26 -2.48
C ARG A 297 9.26 -16.76 -3.89
N LYS A 298 9.90 -17.51 -4.83
CA LYS A 298 9.97 -17.12 -6.26
C LYS A 298 8.58 -17.08 -6.84
N ILE A 299 7.91 -18.24 -6.61
CA ILE A 299 6.54 -18.52 -7.06
C ILE A 299 5.55 -17.51 -6.46
N LEU A 300 5.66 -17.23 -5.17
CA LEU A 300 4.76 -16.28 -4.54
C LEU A 300 4.84 -14.90 -5.17
N GLY A 301 6.05 -14.47 -5.52
CA GLY A 301 6.20 -13.17 -6.15
C GLY A 301 5.52 -13.14 -7.51
N ALA A 302 5.68 -14.24 -8.26
CA ALA A 302 5.09 -14.37 -9.57
C ALA A 302 3.57 -14.30 -9.47
N PHE A 303 3.02 -14.92 -8.43
CA PHE A 303 1.57 -14.89 -8.25
C PHE A 303 1.15 -13.44 -8.06
N ILE A 304 1.84 -12.72 -7.19
CA ILE A 304 1.50 -11.31 -6.93
C ILE A 304 1.56 -10.50 -8.19
N GLN A 305 2.62 -10.67 -8.98
CA GLN A 305 2.75 -9.90 -10.22
C GLN A 305 1.57 -10.21 -11.16
N ILE A 306 1.24 -11.49 -11.35
CA ILE A 306 0.14 -11.86 -12.26
C ILE A 306 -1.23 -11.35 -11.79
N ILE A 307 -1.60 -11.55 -10.54
CA ILE A 307 -2.90 -11.05 -10.08
C ILE A 307 -2.95 -9.54 -10.26
N THR A 308 -1.83 -8.89 -9.98
CA THR A 308 -1.77 -7.44 -10.10
C THR A 308 -1.86 -6.95 -11.52
N PHE A 309 -1.03 -7.48 -12.41
CA PHE A 309 -1.03 -7.04 -13.79
C PHE A 309 -2.16 -7.56 -14.67
N ARG A 310 -2.55 -8.82 -14.49
CA ARG A 310 -3.61 -9.46 -15.28
C ARG A 310 -5.00 -9.11 -14.76
N ASP A 311 -5.20 -9.22 -13.45
CA ASP A 311 -6.52 -8.96 -12.87
C ASP A 311 -6.78 -7.59 -12.29
N TYR A 312 -5.81 -7.06 -11.56
CA TYR A 312 -5.97 -5.78 -10.89
C TYR A 312 -5.82 -4.51 -11.72
N LEU A 313 -4.70 -4.31 -12.40
CA LEU A 313 -4.50 -3.08 -13.14
C LEU A 313 -5.53 -2.75 -14.24
N PRO A 314 -6.01 -3.78 -14.94
CA PRO A 314 -6.91 -3.57 -16.08
C PRO A 314 -8.21 -2.88 -15.67
N ILE A 315 -8.48 -2.85 -14.38
CA ILE A 315 -9.76 -2.36 -13.87
C ILE A 315 -9.55 -1.26 -12.83
N VAL A 316 -8.36 -0.82 -12.72
CA VAL A 316 -8.15 0.36 -11.98
C VAL A 316 -8.17 1.35 -13.12
N LEU A 317 -7.30 0.95 -14.00
CA LEU A 317 -6.99 1.76 -15.13
C LEU A 317 -8.02 1.77 -16.26
N GLY A 318 -8.69 0.72 -16.65
CA GLY A 318 -9.68 0.95 -17.71
C GLY A 318 -9.12 1.25 -19.12
N SER A 319 -9.69 2.26 -19.78
CA SER A 319 -9.34 2.57 -21.15
C SER A 319 -7.89 3.02 -21.28
N GLU A 320 -7.28 3.45 -20.18
CA GLU A 320 -5.90 3.91 -20.26
C GLU A 320 -4.88 2.78 -20.06
N MET A 321 -5.32 1.56 -19.75
CA MET A 321 -4.39 0.47 -19.54
C MET A 321 -3.47 0.30 -20.72
N GLN A 322 -4.07 0.07 -21.87
CA GLN A 322 -3.34 -0.11 -23.12
C GLN A 322 -2.58 1.12 -23.59
N LYS A 323 -2.69 2.25 -22.91
CA LYS A 323 -1.90 3.40 -23.38
C LYS A 323 -0.59 3.41 -22.61
N TRP A 324 -0.64 2.93 -21.38
CA TRP A 324 0.54 2.99 -20.49
C TRP A 324 1.25 1.66 -20.26
N ILE A 325 0.46 0.59 -20.14
CA ILE A 325 1.00 -0.77 -19.93
C ILE A 325 0.67 -1.67 -21.09
N PRO A 326 1.51 -1.58 -22.15
CA PRO A 326 1.35 -2.40 -23.35
C PRO A 326 1.65 -3.87 -23.04
N PRO A 327 1.37 -4.76 -23.99
CA PRO A 327 1.88 -6.13 -23.93
C PRO A 327 3.37 -6.17 -23.61
N TYR A 328 3.74 -6.98 -22.63
CA TYR A 328 5.14 -7.08 -22.20
C TYR A 328 6.07 -7.58 -23.31
N GLN A 329 7.09 -6.77 -23.62
CA GLN A 329 8.03 -7.15 -24.66
C GLN A 329 9.39 -7.56 -24.10
N GLY A 330 9.46 -7.91 -22.81
CA GLY A 330 10.72 -8.35 -22.21
C GLY A 330 11.56 -7.40 -21.35
N TYR A 331 12.42 -7.97 -20.51
CA TYR A 331 13.28 -7.17 -19.64
C TYR A 331 14.12 -6.16 -20.38
N ASN A 332 13.96 -4.90 -19.99
CA ASN A 332 14.69 -3.81 -20.58
C ASN A 332 15.53 -3.18 -19.46
N ASN A 333 16.84 -3.32 -19.52
CA ASN A 333 17.66 -2.75 -18.44
C ASN A 333 17.87 -1.24 -18.48
N SER A 334 17.25 -0.54 -19.43
CA SER A 334 17.38 0.91 -19.54
C SER A 334 16.34 1.61 -18.67
N VAL A 335 15.31 0.88 -18.25
CA VAL A 335 14.25 1.42 -17.42
C VAL A 335 14.65 1.58 -15.96
N ASP A 336 14.03 2.57 -15.35
CA ASP A 336 14.25 2.92 -13.94
C ASP A 336 13.18 2.20 -13.09
N PRO A 337 13.63 1.22 -12.24
CA PRO A 337 12.69 0.49 -11.36
C PRO A 337 11.89 1.38 -10.45
N ARG A 338 12.70 2.18 -9.68
CA ARG A 338 12.34 3.15 -8.67
C ARG A 338 10.94 3.66 -8.73
N ILE A 339 10.39 3.58 -7.55
CA ILE A 339 9.10 4.10 -7.27
C ILE A 339 9.36 5.57 -7.09
N SER A 340 8.61 6.39 -7.78
CA SER A 340 8.76 7.81 -7.66
C SER A 340 8.09 8.28 -6.41
N ASN A 341 8.43 9.51 -6.04
CA ASN A 341 7.86 10.09 -4.86
C ASN A 341 6.35 10.36 -5.10
N VAL A 342 6.00 10.90 -6.26
CA VAL A 342 4.60 11.19 -6.54
C VAL A 342 3.65 9.97 -6.56
N PHE A 343 4.17 8.81 -6.99
CA PHE A 343 3.40 7.58 -7.03
C PHE A 343 2.89 7.17 -5.63
N THR A 344 3.74 7.36 -4.61
CA THR A 344 3.34 7.01 -3.25
C THR A 344 2.13 7.84 -2.79
N PHE A 345 1.76 8.87 -3.56
CA PHE A 345 0.60 9.66 -3.19
C PHE A 345 -0.52 9.31 -4.14
N ALA A 346 -0.19 9.09 -5.40
CA ALA A 346 -1.12 8.65 -6.40
C ALA A 346 -1.81 7.37 -6.08
N PHE A 347 -1.10 6.41 -5.51
CA PHE A 347 -1.65 5.14 -5.15
C PHE A 347 -2.57 5.26 -3.94
N ARG A 348 -2.55 6.37 -3.27
CA ARG A 348 -3.50 6.65 -2.22
C ARG A 348 -4.92 6.94 -2.70
N PHE A 349 -5.23 6.64 -3.94
CA PHE A 349 -6.59 6.82 -4.43
C PHE A 349 -7.40 5.77 -3.70
N GLY A 350 -6.68 4.75 -3.19
CA GLY A 350 -7.32 3.66 -2.47
C GLY A 350 -8.10 4.07 -1.24
N HIS A 351 -7.66 5.13 -0.58
CA HIS A 351 -8.30 5.63 0.62
C HIS A 351 -9.77 5.96 0.37
N MET A 352 -10.12 6.25 -0.88
CA MET A 352 -11.50 6.60 -1.18
C MET A 352 -12.31 5.39 -1.56
N GLU A 353 -11.69 4.21 -1.51
CA GLU A 353 -12.37 2.97 -1.84
C GLU A 353 -12.65 2.14 -0.59
N VAL A 354 -12.19 2.64 0.55
CA VAL A 354 -12.42 1.93 1.80
C VAL A 354 -13.82 2.30 2.33
N PRO A 355 -14.70 1.29 2.54
CA PRO A 355 -16.04 1.59 3.04
C PRO A 355 -16.05 1.70 4.58
N SER A 356 -17.21 2.07 5.15
CA SER A 356 -17.30 2.27 6.59
C SER A 356 -17.41 1.02 7.47
N THR A 357 -17.68 -0.13 6.89
CA THR A 357 -17.83 -1.31 7.72
C THR A 357 -17.17 -2.53 7.13
N VAL A 358 -17.00 -3.54 7.97
CA VAL A 358 -16.43 -4.80 7.55
C VAL A 358 -17.28 -5.89 8.16
N SER A 359 -17.55 -6.92 7.40
CA SER A 359 -18.39 -8.00 7.86
C SER A 359 -17.71 -9.34 8.02
N ARG A 360 -18.30 -10.16 8.84
CA ARG A 360 -17.96 -11.55 8.95
C ARG A 360 -19.13 -12.34 8.43
N LEU A 361 -18.88 -13.25 7.50
CA LEU A 361 -19.92 -14.03 6.89
C LEU A 361 -19.71 -15.50 7.16
N ASP A 362 -20.76 -16.28 7.28
CA ASP A 362 -20.61 -17.69 7.51
C ASP A 362 -20.72 -18.49 6.22
N GLU A 363 -20.61 -19.79 6.31
CA GLU A 363 -20.67 -20.67 5.16
C GLU A 363 -21.72 -20.34 4.13
N ASN A 364 -22.88 -19.87 4.53
CA ASN A 364 -23.89 -19.58 3.52
C ASN A 364 -23.81 -18.13 3.12
N TYR A 365 -22.68 -17.53 3.46
CA TYR A 365 -22.46 -16.13 3.17
C TYR A 365 -23.57 -15.21 3.69
N GLN A 366 -24.02 -15.60 4.90
CA GLN A 366 -24.99 -14.78 5.66
C GLN A 366 -24.22 -14.36 6.93
N PRO A 367 -24.71 -13.39 7.66
CA PRO A 367 -24.08 -12.85 8.87
C PRO A 367 -23.54 -13.91 9.82
N TRP A 368 -22.34 -13.67 10.31
CA TRP A 368 -21.68 -14.59 11.23
C TRP A 368 -21.77 -14.05 12.66
N GLY A 369 -22.46 -14.78 13.52
CA GLY A 369 -22.61 -14.34 14.88
C GLY A 369 -23.56 -13.16 14.99
N PRO A 370 -23.65 -12.52 16.17
CA PRO A 370 -24.54 -11.38 16.41
C PRO A 370 -23.95 -9.99 16.16
N GLU A 371 -22.63 -9.90 16.10
CA GLU A 371 -21.96 -8.63 15.84
C GLU A 371 -21.16 -8.82 14.53
N ALA A 372 -21.86 -9.35 13.52
CA ALA A 372 -21.31 -9.64 12.20
C ALA A 372 -20.61 -8.50 11.48
N GLU A 373 -21.30 -7.36 11.44
CA GLU A 373 -20.81 -6.15 10.80
C GLU A 373 -20.22 -5.24 11.86
N LEU A 374 -19.02 -4.74 11.60
CA LEU A 374 -18.32 -3.87 12.55
C LEU A 374 -17.88 -2.54 11.93
N PRO A 375 -17.90 -1.49 12.74
CA PRO A 375 -17.37 -0.18 12.33
C PRO A 375 -15.89 -0.27 11.98
N LEU A 376 -15.53 0.11 10.75
CA LEU A 376 -14.15 0.05 10.30
C LEU A 376 -13.19 0.46 11.41
N HIS A 377 -13.58 1.47 12.18
CA HIS A 377 -12.63 2.20 13.02
C HIS A 377 -12.32 1.42 14.29
N THR A 378 -13.08 0.36 14.54
CA THR A 378 -12.82 -0.53 15.66
C THR A 378 -11.89 -1.66 15.23
N LEU A 379 -11.42 -1.63 13.99
CA LEU A 379 -10.57 -2.71 13.50
C LEU A 379 -9.17 -2.26 13.12
N PHE A 380 -8.86 -1.04 13.49
CA PHE A 380 -7.51 -0.59 13.25
C PHE A 380 -6.67 -1.38 14.26
N PHE A 381 -5.56 -1.92 13.75
CA PHE A 381 -4.64 -2.67 14.62
C PHE A 381 -5.38 -3.64 15.52
N ASN A 382 -6.37 -4.29 14.95
CA ASN A 382 -7.17 -5.25 15.67
C ASN A 382 -6.84 -6.64 15.22
N THR A 383 -6.16 -7.40 16.07
CA THR A 383 -5.82 -8.78 15.78
C THR A 383 -6.72 -9.67 16.64
N TRP A 384 -7.13 -9.17 17.79
CA TRP A 384 -7.95 -10.01 18.66
C TRP A 384 -9.24 -10.49 17.98
N ARG A 385 -9.86 -9.64 17.17
CA ARG A 385 -11.08 -10.06 16.47
C ARG A 385 -10.82 -11.23 15.54
N ILE A 386 -9.56 -11.48 15.20
CA ILE A 386 -9.25 -12.61 14.32
C ILE A 386 -8.97 -13.84 15.16
N ILE A 387 -8.04 -13.68 16.09
CA ILE A 387 -7.63 -14.84 16.92
C ILE A 387 -8.73 -15.34 17.83
N LYS A 388 -9.39 -14.44 18.57
CA LYS A 388 -10.41 -14.90 19.51
C LYS A 388 -11.86 -14.63 19.02
N ASP A 389 -12.12 -14.74 17.71
CA ASP A 389 -13.48 -14.55 17.22
C ASP A 389 -13.81 -15.07 15.82
N GLY A 390 -13.31 -16.25 15.46
CA GLY A 390 -13.65 -16.80 14.16
C GLY A 390 -12.59 -17.08 13.11
N GLY A 391 -11.38 -16.58 13.31
CA GLY A 391 -10.33 -16.67 12.32
C GLY A 391 -10.63 -15.84 11.09
N ILE A 392 -9.91 -16.12 10.02
CA ILE A 392 -9.91 -15.29 8.84
C ILE A 392 -10.91 -15.70 7.81
N ASP A 393 -11.61 -16.76 8.08
CA ASP A 393 -12.45 -17.39 7.06
C ASP A 393 -13.74 -16.60 6.85
N PRO A 394 -14.30 -16.07 7.93
CA PRO A 394 -15.45 -15.18 7.85
C PRO A 394 -15.09 -13.82 7.25
N LEU A 395 -13.87 -13.36 7.49
CA LEU A 395 -13.45 -12.07 6.96
C LEU A 395 -13.17 -12.16 5.47
N VAL A 396 -12.63 -13.29 5.04
CA VAL A 396 -12.33 -13.49 3.63
C VAL A 396 -13.63 -13.60 2.84
N ARG A 397 -14.67 -14.18 3.43
CA ARG A 397 -15.92 -14.27 2.71
C ARG A 397 -16.45 -12.85 2.48
N GLY A 398 -16.33 -11.99 3.48
CA GLY A 398 -16.80 -10.62 3.34
C GLY A 398 -16.02 -9.88 2.26
N LEU A 399 -14.73 -10.22 2.13
CA LEU A 399 -13.88 -9.61 1.12
C LEU A 399 -14.43 -9.98 -0.26
N LEU A 400 -14.99 -11.19 -0.35
CA LEU A 400 -15.54 -11.65 -1.61
C LEU A 400 -16.97 -11.17 -1.86
N ALA A 401 -17.82 -11.29 -0.86
CA ALA A 401 -19.22 -10.91 -1.02
C ALA A 401 -19.59 -9.44 -0.80
N LYS A 402 -18.80 -8.71 -0.04
CA LYS A 402 -19.13 -7.31 0.19
C LYS A 402 -18.44 -6.44 -0.86
N LYS A 403 -18.79 -5.16 -0.91
CA LYS A 403 -18.25 -4.26 -1.93
C LYS A 403 -17.29 -3.18 -1.43
N SER A 404 -16.52 -2.64 -2.36
CA SER A 404 -15.61 -1.55 -2.06
C SER A 404 -16.46 -0.29 -2.04
N LYS A 405 -15.91 0.78 -1.48
CA LYS A 405 -16.59 2.05 -1.52
C LYS A 405 -16.19 2.58 -2.90
N LEU A 406 -17.04 3.43 -3.47
CA LEU A 406 -16.78 4.01 -4.77
C LEU A 406 -16.32 5.46 -4.59
N MET A 407 -15.28 5.87 -5.30
CA MET A 407 -14.84 7.25 -5.19
C MET A 407 -16.06 8.05 -5.65
N ASN A 408 -16.34 9.15 -4.99
CA ASN A 408 -17.48 9.99 -5.30
C ASN A 408 -16.98 11.38 -4.94
N GLN A 409 -17.09 12.32 -5.87
CA GLN A 409 -16.62 13.70 -5.65
C GLN A 409 -17.30 14.43 -4.49
N ASP A 410 -18.48 13.97 -4.08
CA ASP A 410 -19.20 14.61 -2.98
C ASP A 410 -19.06 13.80 -1.68
N LYS A 411 -18.54 12.57 -1.79
CA LYS A 411 -18.33 11.67 -0.63
C LYS A 411 -16.97 10.99 -0.84
N MET A 412 -15.89 11.68 -0.54
CA MET A 412 -14.56 11.13 -0.81
C MET A 412 -14.01 10.06 0.14
N VAL A 413 -13.82 10.42 1.39
CA VAL A 413 -13.25 9.49 2.35
C VAL A 413 -14.14 9.32 3.58
N THR A 414 -14.54 8.09 3.85
CA THR A 414 -15.38 7.81 5.00
C THR A 414 -14.75 8.34 6.30
N SER A 415 -15.62 8.86 7.16
CA SER A 415 -15.23 9.41 8.46
C SER A 415 -14.53 8.38 9.34
N GLU A 416 -14.67 7.10 9.02
CA GLU A 416 -14.01 6.10 9.83
C GLU A 416 -12.50 6.30 9.69
N LEU A 417 -12.10 6.88 8.56
CA LEU A 417 -10.69 7.14 8.29
C LEU A 417 -10.36 8.62 8.44
N ARG A 418 -11.35 9.45 8.15
CA ARG A 418 -11.16 10.90 8.17
C ARG A 418 -11.29 11.54 9.55
N ASN A 419 -11.93 10.89 10.51
CA ASN A 419 -12.07 11.45 11.85
C ASN A 419 -11.73 10.47 12.94
N LYS A 420 -11.76 9.19 12.60
CA LYS A 420 -11.52 8.16 13.60
C LYS A 420 -10.27 7.28 13.47
N LEU A 421 -9.32 7.67 12.62
CA LEU A 421 -8.09 6.88 12.43
C LEU A 421 -7.29 6.69 13.71
N PHE A 422 -6.81 5.49 13.94
CA PHE A 422 -5.97 5.25 15.10
C PHE A 422 -4.54 5.15 14.58
N GLN A 423 -3.64 5.87 15.23
CA GLN A 423 -2.22 5.79 14.97
C GLN A 423 -1.46 5.33 16.18
N PRO A 424 -0.39 4.61 15.95
CA PRO A 424 0.12 3.59 16.84
C PRO A 424 0.68 4.06 18.15
N THR A 425 1.00 5.33 18.29
CA THR A 425 1.45 5.85 19.55
C THR A 425 0.51 6.80 20.23
N HIS A 426 -0.55 7.14 19.58
CA HIS A 426 -1.32 8.15 20.18
C HIS A 426 -2.49 7.43 20.74
N LYS A 427 -3.24 8.08 21.61
CA LYS A 427 -4.22 7.31 22.37
C LYS A 427 -5.58 7.16 21.74
N ILE A 428 -5.91 8.08 20.85
CA ILE A 428 -7.24 8.10 20.30
C ILE A 428 -7.56 7.68 18.88
N HIS A 429 -8.74 7.29 18.73
CA HIS A 429 -9.37 6.97 17.53
C HIS A 429 -9.90 8.31 17.03
N GLY A 430 -8.99 9.22 16.70
CA GLY A 430 -9.41 10.56 16.33
C GLY A 430 -8.62 11.25 15.24
N PHE A 431 -7.80 10.53 14.48
CA PHE A 431 -7.03 11.20 13.41
C PHE A 431 -7.74 11.25 12.07
N ASP A 432 -7.08 11.92 11.14
CA ASP A 432 -7.61 12.11 9.81
C ASP A 432 -6.62 11.78 8.67
N LEU A 433 -6.79 10.59 8.09
CA LEU A 433 -5.95 10.12 6.99
C LEU A 433 -5.90 11.09 5.80
N ALA A 434 -7.01 11.78 5.51
CA ALA A 434 -7.00 12.71 4.38
C ALA A 434 -6.11 13.91 4.68
N ALA A 435 -6.19 14.44 5.90
CA ALA A 435 -5.39 15.59 6.26
C ALA A 435 -3.91 15.22 6.29
N ILE A 436 -3.62 14.02 6.78
CA ILE A 436 -2.26 13.50 6.85
C ILE A 436 -1.72 13.33 5.43
N ASN A 437 -2.54 12.80 4.52
CA ASN A 437 -2.13 12.65 3.13
C ASN A 437 -1.68 14.00 2.56
N LEU A 438 -2.45 15.05 2.85
CA LEU A 438 -2.15 16.38 2.34
C LEU A 438 -0.92 16.98 3.00
N GLN A 439 -0.82 16.82 4.31
CA GLN A 439 0.33 17.35 5.02
C GLN A 439 1.60 16.63 4.48
N ARG A 440 1.47 15.34 4.21
CA ARG A 440 2.59 14.52 3.73
C ARG A 440 2.90 14.81 2.28
N CYS A 441 1.88 15.24 1.54
CA CYS A 441 2.07 15.71 0.17
C CYS A 441 3.07 16.86 0.12
N ARG A 442 3.07 17.69 1.16
CA ARG A 442 3.91 18.87 1.20
C ARG A 442 5.21 18.61 1.94
N ASP A 443 5.13 17.77 2.98
CA ASP A 443 6.33 17.28 3.67
C ASP A 443 7.33 16.74 2.64
N HIS A 444 6.80 16.06 1.62
CA HIS A 444 7.60 15.47 0.53
C HIS A 444 7.96 16.41 -0.63
N GLY A 445 7.62 17.68 -0.55
CA GLY A 445 7.96 18.59 -1.64
C GLY A 445 7.32 18.37 -3.02
N MET A 446 6.09 17.85 -3.03
CA MET A 446 5.33 17.60 -4.27
C MET A 446 4.97 18.85 -5.09
N PRO A 447 5.13 18.79 -6.42
CA PRO A 447 4.77 19.94 -7.25
C PRO A 447 3.24 19.96 -7.24
N GLY A 448 2.64 21.07 -7.63
CA GLY A 448 1.19 21.15 -7.63
C GLY A 448 0.48 20.38 -8.73
N TYR A 449 -0.85 20.44 -8.68
CA TYR A 449 -1.74 19.76 -9.62
C TYR A 449 -1.46 20.03 -11.10
N ASN A 450 -1.23 21.30 -11.46
CA ASN A 450 -0.98 21.61 -12.86
C ASN A 450 0.41 21.16 -13.31
N SER A 451 1.40 21.20 -12.42
CA SER A 451 2.74 20.73 -12.79
C SER A 451 2.56 19.30 -13.28
N TRP A 452 1.73 18.53 -12.58
CA TRP A 452 1.52 17.15 -13.00
C TRP A 452 0.57 17.00 -14.21
N ARG A 453 -0.39 17.91 -14.40
CA ARG A 453 -1.25 17.82 -15.59
C ARG A 453 -0.28 18.03 -16.76
N GLY A 454 0.59 19.01 -16.63
CA GLY A 454 1.58 19.27 -17.68
C GLY A 454 2.46 18.04 -17.94
N PHE A 455 2.98 17.45 -16.87
CA PHE A 455 3.84 16.25 -16.95
C PHE A 455 3.14 15.18 -17.75
N CYS A 456 1.82 15.07 -17.56
CA CYS A 456 1.04 14.05 -18.24
C CYS A 456 0.41 14.50 -19.55
N GLY A 457 0.78 15.69 -20.02
CA GLY A 457 0.27 16.22 -21.28
C GLY A 457 -1.22 16.49 -21.30
N LEU A 458 -1.72 17.01 -20.18
CA LEU A 458 -3.14 17.33 -20.03
C LEU A 458 -3.24 18.82 -19.77
N SER A 459 -4.38 19.40 -20.12
CA SER A 459 -4.59 20.82 -19.89
C SER A 459 -4.37 21.21 -18.43
N GLN A 460 -4.02 22.46 -18.24
CA GLN A 460 -3.77 23.03 -16.93
C GLN A 460 -4.74 24.19 -16.71
N PRO A 461 -5.89 23.91 -16.07
CA PRO A 461 -6.90 24.95 -15.79
C PRO A 461 -6.32 26.11 -15.01
N LYS A 462 -6.73 27.33 -15.35
CA LYS A 462 -6.22 28.50 -14.66
C LYS A 462 -7.29 29.26 -13.92
N THR A 463 -8.54 28.99 -14.27
CA THR A 463 -9.67 29.69 -13.66
C THR A 463 -10.74 28.74 -13.20
N LEU A 464 -11.68 29.24 -12.40
CA LEU A 464 -12.80 28.47 -11.88
C LEU A 464 -13.42 27.72 -13.05
N LYS A 465 -13.86 28.49 -14.04
CA LYS A 465 -14.49 27.93 -15.22
C LYS A 465 -13.66 26.80 -15.84
N GLY A 466 -12.35 26.99 -15.94
CA GLY A 466 -11.52 25.95 -16.52
C GLY A 466 -11.53 24.73 -15.62
N LEU A 467 -11.32 24.95 -14.33
CA LEU A 467 -11.29 23.82 -13.42
C LEU A 467 -12.66 23.14 -13.39
N GLN A 468 -13.74 23.91 -13.52
CA GLN A 468 -15.10 23.34 -13.52
C GLN A 468 -15.18 22.30 -14.62
N THR A 469 -14.71 22.71 -15.78
CA THR A 469 -14.72 21.89 -16.97
C THR A 469 -13.92 20.60 -16.81
N VAL A 470 -12.73 20.69 -16.22
CA VAL A 470 -11.91 19.52 -16.00
C VAL A 470 -12.55 18.60 -14.93
N LEU A 471 -12.95 19.18 -13.79
CA LEU A 471 -13.57 18.38 -12.73
C LEU A 471 -15.00 17.94 -13.06
N LYS A 472 -15.61 18.60 -14.03
CA LYS A 472 -16.99 18.31 -14.39
C LYS A 472 -17.92 18.42 -13.15
N ASN A 473 -17.56 19.25 -12.22
CA ASN A 473 -18.30 19.48 -11.03
C ASN A 473 -18.18 20.97 -10.70
N LYS A 474 -19.20 21.75 -10.85
CA LYS A 474 -19.17 23.20 -10.52
C LYS A 474 -18.91 23.48 -9.04
N ILE A 475 -19.63 22.77 -8.18
CA ILE A 475 -19.47 23.01 -6.77
C ILE A 475 -18.09 22.51 -6.25
N LEU A 476 -17.58 21.37 -6.70
CA LEU A 476 -16.25 20.94 -6.21
C LEU A 476 -15.19 21.96 -6.67
N ALA A 477 -15.21 22.36 -7.95
CA ALA A 477 -14.26 23.36 -8.48
C ALA A 477 -14.22 24.63 -7.64
N LYS A 478 -15.41 25.04 -7.22
CA LYS A 478 -15.66 26.23 -6.42
C LYS A 478 -14.97 26.18 -5.06
N LYS A 479 -15.20 25.09 -4.32
CA LYS A 479 -14.60 24.90 -3.00
C LYS A 479 -13.07 24.86 -3.13
N LEU A 480 -12.58 24.22 -4.19
CA LEU A 480 -11.14 24.12 -4.43
C LEU A 480 -10.51 25.52 -4.61
N MET A 481 -11.08 26.32 -5.51
CA MET A 481 -10.61 27.68 -5.79
C MET A 481 -10.64 28.53 -4.55
N ASP A 482 -11.75 28.44 -3.82
CA ASP A 482 -11.93 29.18 -2.59
C ASP A 482 -10.84 28.81 -1.60
N LEU A 483 -10.41 27.55 -1.65
CA LEU A 483 -9.39 27.08 -0.72
C LEU A 483 -7.95 27.33 -1.17
N TYR A 484 -7.68 27.04 -2.44
CA TYR A 484 -6.32 27.15 -2.98
C TYR A 484 -6.00 28.44 -3.74
N LYS A 485 -7.01 29.07 -4.32
CA LYS A 485 -6.96 30.33 -5.07
C LYS A 485 -6.28 30.22 -6.50
N THR A 486 -5.49 29.17 -6.87
CA THR A 486 -4.99 28.93 -8.27
C THR A 486 -4.76 27.41 -8.47
N PRO A 487 -5.32 26.86 -9.60
CA PRO A 487 -5.19 25.44 -9.83
C PRO A 487 -3.79 24.98 -9.59
N ASP A 488 -2.93 25.94 -9.68
CA ASP A 488 -1.53 25.70 -9.51
C ASP A 488 -1.22 25.23 -8.11
N ASN A 489 -1.95 25.74 -7.14
CA ASN A 489 -1.68 25.38 -5.75
C ASN A 489 -2.33 24.12 -5.16
N ILE A 490 -3.18 23.45 -5.95
CA ILE A 490 -3.85 22.23 -5.48
C ILE A 490 -2.94 21.01 -5.29
N ASP A 491 -2.86 20.54 -4.05
CA ASP A 491 -2.04 19.39 -3.71
C ASP A 491 -2.45 18.23 -4.62
N ILE A 492 -1.44 17.53 -5.16
CA ILE A 492 -1.63 16.42 -6.09
C ILE A 492 -2.56 15.30 -5.64
N TRP A 493 -2.59 15.01 -4.34
CA TRP A 493 -3.46 13.91 -3.84
C TRP A 493 -4.93 14.25 -4.07
N ILE A 494 -5.31 15.42 -3.69
CA ILE A 494 -6.70 15.79 -3.83
C ILE A 494 -7.01 16.25 -5.23
N GLY A 495 -6.10 16.91 -5.93
CA GLY A 495 -6.49 17.28 -7.31
C GLY A 495 -6.62 16.01 -8.15
N GLY A 496 -5.68 15.10 -7.93
CA GLY A 496 -5.66 13.86 -8.68
C GLY A 496 -6.95 13.07 -8.46
N ASN A 497 -7.42 13.04 -7.22
CA ASN A 497 -8.63 12.31 -6.92
C ASN A 497 -9.96 13.05 -7.20
N ALA A 498 -9.89 14.35 -7.51
CA ALA A 498 -11.09 15.14 -7.81
C ALA A 498 -11.63 14.87 -9.22
N GLU A 499 -10.78 14.35 -10.09
CA GLU A 499 -11.15 14.05 -11.47
C GLU A 499 -12.06 12.84 -11.62
N PRO A 500 -13.06 12.92 -12.50
CA PRO A 500 -14.01 11.82 -12.76
C PRO A 500 -13.26 10.60 -13.28
N MET A 501 -13.72 9.41 -12.94
CA MET A 501 -13.02 8.21 -13.38
C MET A 501 -13.11 7.94 -14.90
N VAL A 502 -12.06 7.28 -15.46
CA VAL A 502 -11.99 7.00 -16.94
C VAL A 502 -12.89 5.86 -17.33
N GLU A 503 -13.00 5.57 -18.64
CA GLU A 503 -13.90 4.49 -18.99
C GLU A 503 -13.34 3.13 -18.60
N ARG A 504 -14.17 2.50 -17.80
CA ARG A 504 -14.08 1.18 -17.25
C ARG A 504 -12.92 1.20 -16.21
N GLY A 505 -12.61 2.41 -15.56
CA GLY A 505 -11.56 2.44 -14.52
C GLY A 505 -12.05 3.01 -13.19
N ARG A 506 -11.12 3.22 -12.27
CA ARG A 506 -11.54 3.78 -11.00
C ARG A 506 -10.64 4.98 -10.60
N VAL A 507 -9.92 5.56 -11.56
CA VAL A 507 -9.11 6.76 -11.34
C VAL A 507 -9.32 7.64 -12.55
N GLY A 508 -9.05 8.93 -12.42
CA GLY A 508 -9.22 9.80 -13.54
C GLY A 508 -7.97 9.79 -14.41
N PRO A 509 -7.93 10.68 -15.39
CA PRO A 509 -6.88 10.64 -16.42
C PRO A 509 -5.50 10.93 -15.84
N LEU A 510 -5.43 11.88 -14.92
CA LEU A 510 -4.15 12.27 -14.33
C LEU A 510 -3.51 11.10 -13.58
N LEU A 511 -4.30 10.41 -12.77
CA LEU A 511 -3.80 9.30 -11.97
C LEU A 511 -3.54 8.08 -12.84
N ALA A 512 -4.42 7.85 -13.81
CA ALA A 512 -4.17 6.84 -14.83
C ALA A 512 -2.77 6.98 -15.43
N CYS A 513 -2.34 8.22 -15.62
CA CYS A 513 -1.04 8.49 -16.20
C CYS A 513 0.09 8.30 -15.19
N LEU A 514 -0.06 8.87 -14.01
CA LEU A 514 0.97 8.71 -12.97
C LEU A 514 1.15 7.25 -12.56
N LEU A 515 0.04 6.55 -12.31
CA LEU A 515 0.07 5.13 -11.92
C LEU A 515 0.50 4.26 -13.11
N GLY A 516 -0.06 4.58 -14.28
CA GLY A 516 0.25 3.85 -15.49
C GLY A 516 1.73 3.85 -15.83
N ARG A 517 2.40 5.00 -15.67
CA ARG A 517 3.82 5.04 -15.98
C ARG A 517 4.64 4.20 -14.98
N GLN A 518 4.31 4.27 -13.69
CA GLN A 518 5.06 3.53 -12.66
C GLN A 518 4.97 2.02 -12.80
N PHE A 519 3.75 1.50 -12.91
CA PHE A 519 3.61 0.08 -13.06
C PHE A 519 4.31 -0.41 -14.34
N GLN A 520 4.26 0.37 -15.43
CA GLN A 520 4.95 -0.03 -16.67
C GLN A 520 6.43 -0.21 -16.37
N GLN A 521 7.00 0.74 -15.56
CA GLN A 521 8.42 0.72 -15.17
C GLN A 521 8.84 -0.39 -14.25
N ILE A 522 8.04 -0.68 -13.22
CA ILE A 522 8.47 -1.72 -12.33
C ILE A 522 8.38 -3.08 -13.01
N ARG A 523 7.60 -3.16 -14.09
CA ARG A 523 7.50 -4.41 -14.83
C ARG A 523 8.69 -4.54 -15.78
N ASP A 524 8.79 -3.59 -16.70
CA ASP A 524 9.87 -3.61 -17.69
C ASP A 524 11.27 -3.58 -17.09
N GLY A 525 11.41 -2.95 -15.92
CA GLY A 525 12.72 -2.83 -15.29
C GLY A 525 13.05 -3.90 -14.26
N ASP A 526 12.36 -5.02 -14.33
CA ASP A 526 12.58 -6.11 -13.39
C ASP A 526 13.31 -7.26 -14.10
N ARG A 527 14.52 -7.59 -13.64
CA ARG A 527 15.26 -8.69 -14.29
C ARG A 527 14.56 -10.01 -13.96
N PHE A 528 13.85 -10.05 -12.84
CA PHE A 528 13.16 -11.25 -12.45
C PHE A 528 11.66 -11.24 -12.68
N TRP A 529 11.22 -10.39 -13.60
CA TRP A 529 9.81 -10.36 -13.92
C TRP A 529 9.51 -11.80 -14.33
N TRP A 530 8.43 -12.36 -13.82
CA TRP A 530 8.05 -13.75 -14.09
C TRP A 530 7.99 -14.20 -15.55
N GLU A 531 7.60 -13.30 -16.44
CA GLU A 531 7.45 -13.66 -17.84
C GLU A 531 8.71 -13.42 -18.67
N ASN A 532 9.80 -12.95 -18.02
CA ASN A 532 11.10 -12.74 -18.72
C ASN A 532 11.73 -14.12 -18.93
N PRO A 533 11.97 -14.42 -20.19
CA PRO A 533 12.57 -15.72 -20.56
C PRO A 533 13.83 -16.01 -19.75
N GLY A 534 13.91 -17.21 -19.21
CA GLY A 534 15.00 -17.57 -18.32
C GLY A 534 14.54 -17.76 -16.89
N VAL A 535 13.67 -16.87 -16.42
CA VAL A 535 13.29 -16.82 -15.02
C VAL A 535 12.56 -18.12 -14.66
N PHE A 536 11.55 -18.48 -15.47
CA PHE A 536 10.70 -19.71 -15.37
C PHE A 536 10.82 -20.55 -16.70
N THR A 537 10.60 -21.88 -16.66
CA THR A 537 10.75 -22.68 -17.90
C THR A 537 9.52 -22.71 -18.75
N GLU A 538 9.66 -23.44 -19.87
CA GLU A 538 8.57 -23.68 -20.86
C GLU A 538 7.19 -23.97 -20.17
N LYS A 539 7.08 -25.13 -19.53
CA LYS A 539 5.87 -25.58 -18.84
C LYS A 539 5.60 -24.78 -17.49
N GLN A 540 6.61 -24.06 -16.90
CA GLN A 540 6.48 -23.31 -15.62
C GLN A 540 5.55 -22.10 -15.75
N ARG A 541 5.68 -21.33 -16.84
CA ARG A 541 4.82 -20.16 -17.07
C ARG A 541 3.41 -20.58 -17.46
N ASP A 542 3.25 -21.82 -17.91
CA ASP A 542 1.93 -22.31 -18.29
C ASP A 542 1.11 -22.67 -17.06
N SER A 543 1.76 -23.24 -16.04
CA SER A 543 1.06 -23.60 -14.82
C SER A 543 0.72 -22.31 -14.06
N LEU A 544 1.62 -21.32 -14.14
CA LEU A 544 1.41 -20.05 -13.45
C LEU A 544 0.29 -19.19 -14.07
N GLN A 545 0.11 -19.23 -15.39
CA GLN A 545 -0.93 -18.42 -16.01
C GLN A 545 -2.31 -18.85 -15.57
N LYS A 546 -2.39 -19.91 -14.75
CA LYS A 546 -3.70 -20.42 -14.32
C LYS A 546 -4.09 -19.90 -12.90
N VAL A 547 -3.12 -19.38 -12.07
CA VAL A 547 -3.44 -18.90 -10.71
C VAL A 547 -4.53 -17.84 -10.68
N SER A 548 -5.24 -17.76 -9.56
CA SER A 548 -6.30 -16.77 -9.40
C SER A 548 -6.46 -16.50 -7.91
N PHE A 549 -7.12 -15.41 -7.56
CA PHE A 549 -7.29 -15.17 -6.13
C PHE A 549 -8.31 -16.18 -5.64
N SER A 550 -9.23 -16.59 -6.50
CA SER A 550 -10.20 -17.58 -6.01
C SER A 550 -9.49 -18.87 -5.60
N ARG A 551 -8.49 -19.30 -6.39
CA ARG A 551 -7.79 -20.52 -6.02
C ARG A 551 -6.95 -20.35 -4.76
N LEU A 552 -6.33 -19.18 -4.58
CA LEU A 552 -5.54 -18.89 -3.40
C LEU A 552 -6.37 -19.13 -2.14
N ILE A 553 -7.63 -18.69 -2.19
CA ILE A 553 -8.55 -18.85 -1.08
C ILE A 553 -8.87 -20.33 -0.89
N CYS A 554 -9.18 -20.99 -2.00
CA CYS A 554 -9.51 -22.41 -1.98
C CYS A 554 -8.40 -23.25 -1.36
N ASP A 555 -7.15 -22.90 -1.67
CA ASP A 555 -6.03 -23.69 -1.15
C ASP A 555 -5.62 -23.31 0.26
N ASN A 556 -5.99 -22.11 0.70
CA ASN A 556 -5.54 -21.67 2.02
C ASN A 556 -6.59 -21.29 3.07
N THR A 557 -7.76 -21.86 2.93
CA THR A 557 -8.92 -21.63 3.82
C THR A 557 -9.81 -22.84 3.69
N HIS A 558 -10.91 -22.91 4.40
CA HIS A 558 -11.84 -24.01 4.26
C HIS A 558 -13.09 -23.50 3.57
N ILE A 559 -12.88 -22.52 2.70
CA ILE A 559 -13.97 -21.92 1.95
C ILE A 559 -14.03 -22.78 0.70
N THR A 560 -15.22 -22.97 0.17
CA THR A 560 -15.36 -23.81 -1.00
C THR A 560 -16.31 -23.23 -2.04
N LYS A 561 -16.75 -22.01 -1.78
CA LYS A 561 -17.65 -21.32 -2.69
C LYS A 561 -16.98 -19.96 -2.96
N VAL A 562 -16.51 -19.79 -4.20
CA VAL A 562 -15.81 -18.57 -4.61
C VAL A 562 -16.21 -18.08 -6.01
N PRO A 563 -16.02 -16.77 -6.28
CA PRO A 563 -16.38 -16.26 -7.61
C PRO A 563 -15.26 -16.72 -8.54
N LEU A 564 -15.48 -16.65 -9.86
CA LEU A 564 -14.41 -17.03 -10.77
C LEU A 564 -13.54 -15.79 -10.92
N HIS A 565 -14.18 -14.62 -10.89
CA HIS A 565 -13.50 -13.33 -11.01
C HIS A 565 -13.67 -12.57 -9.70
N ALA A 566 -12.79 -12.84 -8.74
CA ALA A 566 -12.82 -12.22 -7.42
C ALA A 566 -12.92 -10.70 -7.30
N PHE A 567 -12.42 -9.94 -8.27
CA PHE A 567 -12.48 -8.49 -8.13
C PHE A 567 -13.79 -7.78 -8.50
N GLN A 568 -14.66 -8.39 -9.31
CA GLN A 568 -15.92 -7.72 -9.62
C GLN A 568 -16.87 -8.01 -8.43
N ALA A 569 -17.97 -7.27 -8.37
CA ALA A 569 -18.96 -7.48 -7.30
C ALA A 569 -19.58 -8.84 -7.54
N ASN A 570 -19.52 -9.70 -6.52
CA ASN A 570 -20.05 -11.04 -6.64
C ASN A 570 -21.11 -11.39 -5.59
N ASN A 571 -22.28 -11.79 -6.08
CA ASN A 571 -23.38 -12.15 -5.21
C ASN A 571 -23.60 -13.64 -5.03
N TYR A 572 -23.64 -14.06 -3.78
CA TYR A 572 -23.85 -15.45 -3.43
C TYR A 572 -25.37 -15.75 -3.48
N PRO A 573 -25.74 -16.94 -3.95
CA PRO A 573 -24.87 -18.01 -4.42
C PRO A 573 -24.68 -18.01 -5.94
N HIS A 574 -25.47 -17.20 -6.64
CA HIS A 574 -25.42 -17.13 -8.10
C HIS A 574 -24.05 -16.89 -8.73
N ASP A 575 -23.31 -15.90 -8.24
CA ASP A 575 -22.00 -15.61 -8.82
C ASP A 575 -20.91 -16.51 -8.20
N PHE A 576 -21.32 -17.45 -7.36
CA PHE A 576 -20.34 -18.34 -6.71
C PHE A 576 -20.38 -19.79 -7.19
N VAL A 577 -19.19 -20.34 -7.44
CA VAL A 577 -19.06 -21.73 -7.89
C VAL A 577 -18.32 -22.51 -6.81
N ASP A 578 -18.18 -23.81 -7.02
CA ASP A 578 -17.48 -24.65 -6.05
C ASP A 578 -16.00 -24.69 -6.45
N CYS A 579 -15.14 -24.76 -5.44
CA CYS A 579 -13.69 -24.77 -5.66
C CYS A 579 -13.16 -25.80 -6.64
N SER A 580 -13.85 -26.93 -6.75
CA SER A 580 -13.43 -27.99 -7.66
C SER A 580 -13.44 -27.53 -9.12
N THR A 581 -14.21 -26.51 -9.41
CA THR A 581 -14.36 -25.97 -10.77
C THR A 581 -13.21 -25.04 -11.20
N VAL A 582 -12.43 -24.53 -10.23
CA VAL A 582 -11.34 -23.57 -10.48
C VAL A 582 -9.95 -24.16 -10.68
N ASP A 583 -9.22 -23.67 -11.68
CA ASP A 583 -7.90 -24.20 -11.98
C ASP A 583 -6.91 -24.08 -10.83
N LYS A 584 -6.18 -25.16 -10.61
CA LYS A 584 -5.15 -25.22 -9.57
C LYS A 584 -3.82 -24.83 -10.21
N LEU A 585 -2.80 -24.65 -9.38
CA LEU A 585 -1.47 -24.32 -9.86
C LEU A 585 -0.74 -25.66 -9.90
N ASP A 586 -0.35 -26.07 -11.10
CA ASP A 586 0.33 -27.33 -11.37
C ASP A 586 1.85 -27.22 -11.12
N LEU A 587 2.33 -27.74 -9.99
CA LEU A 587 3.74 -27.63 -9.65
C LEU A 587 4.60 -28.70 -10.39
N SER A 588 4.02 -29.61 -11.14
CA SER A 588 4.79 -30.62 -11.88
C SER A 588 6.13 -30.10 -12.60
N PRO A 589 6.15 -28.89 -13.31
CA PRO A 589 7.36 -28.26 -14.01
C PRO A 589 8.58 -27.87 -13.15
N TRP A 590 8.47 -28.05 -11.83
CA TRP A 590 9.49 -27.74 -10.82
C TRP A 590 10.28 -29.01 -10.37
N ALA A 591 10.05 -30.16 -11.09
CA ALA A 591 10.54 -31.57 -10.83
C ALA A 591 12.02 -32.12 -10.82
N SER A 592 13.06 -31.34 -10.96
CA SER A 592 14.41 -31.93 -11.21
C SER A 592 14.90 -33.13 -10.38
N ARG A 593 15.16 -34.05 -11.28
CA ARG A 593 15.60 -35.44 -11.34
C ARG A 593 17.04 -35.59 -11.70
N GLU A 594 17.63 -36.82 -11.47
CA GLU A 594 19.13 -36.88 -11.52
C GLU A 594 20.13 -37.96 -12.14
N ASN A 595 20.42 -39.17 -11.54
CA ASN A 595 21.57 -40.10 -11.95
C ASN A 595 22.25 -39.87 -13.31
C1 NAG B . -17.80 -5.30 -14.19
C2 NAG B . -18.57 -5.14 -15.50
C3 NAG B . -17.97 -6.00 -16.67
C4 NAG B . -16.41 -6.07 -16.72
C5 NAG B . -15.87 -6.23 -15.27
C6 NAG B . -14.36 -6.10 -15.19
C7 NAG B . -20.97 -4.71 -15.48
C8 NAG B . -22.36 -5.26 -15.20
N2 NAG B . -19.95 -5.54 -15.27
O3 NAG B . -18.44 -5.49 -17.91
O4 NAG B . -15.96 -7.18 -17.58
O5 NAG B . -16.39 -5.18 -14.42
O6 NAG B . -13.98 -4.73 -15.29
O7 NAG B . -20.85 -3.55 -15.88
C1 NAG B . -14.80 -7.02 -18.58
C2 NAG B . -14.00 -8.35 -18.64
C3 NAG B . -13.03 -8.48 -19.88
C4 NAG B . -12.99 -7.31 -20.93
C5 NAG B . -14.05 -6.19 -20.67
C6 NAG B . -14.59 -5.58 -21.95
C7 NAG B . -12.97 -9.70 -16.94
C8 NAG B . -12.14 -9.75 -15.67
N2 NAG B . -13.24 -8.49 -17.42
O3 NAG B . -13.34 -9.69 -20.57
O4 NAG B . -11.66 -6.69 -21.10
O5 NAG B . -15.18 -6.65 -19.91
O6 NAG B . -14.45 -6.46 -23.06
O7 NAG B . -13.38 -10.75 -17.45
C1 MAN B . -10.48 -7.48 -21.07
C2 MAN B . -9.18 -6.62 -21.22
C3 MAN B . -8.21 -7.26 -22.24
C4 MAN B . -8.17 -8.79 -22.07
C5 MAN B . -9.60 -9.39 -22.14
C6 MAN B . -9.88 -10.15 -20.85
O2 MAN B . -8.51 -6.51 -19.97
O3 MAN B . -6.89 -6.73 -22.08
O4 MAN B . -7.32 -9.39 -23.03
O5 MAN B . -10.59 -8.35 -22.20
O6 MAN B . -10.82 -11.19 -21.05
C1 NAG C . 9.21 -25.10 12.26
C2 NAG C . 8.08 -24.66 13.22
C3 NAG C . 7.63 -25.78 14.16
C4 NAG C . 7.36 -27.09 13.38
C5 NAG C . 8.60 -27.40 12.54
C6 NAG C . 8.46 -28.68 11.73
C7 NAG C . 7.93 -22.32 13.80
C8 NAG C . 8.42 -21.14 14.63
N2 NAG C . 8.51 -23.50 13.98
O3 NAG C . 6.45 -25.36 14.84
O4 NAG C . 7.06 -28.18 14.29
O5 NAG C . 8.85 -26.34 11.61
O6 NAG C . 7.38 -28.57 10.81
O7 NAG C . 7.02 -22.15 12.98
C1 NAG C . 6.00 -29.04 13.98
C2 NAG C . 6.13 -30.33 14.80
C3 NAG C . 4.84 -30.98 15.37
C4 NAG C . 3.52 -30.23 15.22
C5 NAG C . 3.62 -29.17 14.09
C6 NAG C . 2.45 -28.21 14.08
C7 NAG C . 8.06 -31.61 14.23
C8 NAG C . 8.72 -32.69 13.38
N2 NAG C . 6.79 -31.34 13.99
O3 NAG C . 5.02 -31.25 16.75
O4 NAG C . 2.50 -31.21 14.90
O5 NAG C . 4.78 -28.35 14.28
O6 NAG C . 2.76 -27.05 14.85
O7 NAG C . 8.72 -31.04 15.10
C1 BMA C . 1.63 -31.74 15.87
C2 BMA C . 1.63 -33.29 15.90
C3 BMA C . 0.90 -33.90 17.15
C4 BMA C . 0.63 -32.92 18.34
C5 BMA C . 0.75 -31.43 18.01
C6 BMA C . 0.86 -30.57 19.25
O2 BMA C . 2.93 -33.83 15.81
O3 BMA C . 1.65 -34.99 17.65
O4 BMA C . -0.67 -33.16 18.85
O5 BMA C . 1.90 -31.20 17.17
O6 BMA C . 2.15 -30.00 19.41
C1 NAG D . -11.58 -7.16 24.21
C2 NAG D . -13.00 -6.71 23.87
C3 NAG D . -14.03 -7.58 24.59
C4 NAG D . -13.77 -9.08 24.36
C5 NAG D . -12.29 -9.39 24.66
C6 NAG D . -11.88 -10.82 24.37
C7 NAG D . -13.00 -4.36 23.34
C8 NAG D . -13.17 -2.91 23.81
N2 NAG D . -13.16 -5.31 24.25
O3 NAG D . -15.34 -7.26 24.13
O4 NAG D . -14.62 -9.85 25.23
O5 NAG D . -11.43 -8.54 23.88
O6 NAG D . -10.65 -11.13 25.05
O7 NAG D . -12.73 -4.58 22.16
C1 NAG D . -15.21 -11.01 24.76
C2 NAG D . -15.75 -11.80 25.96
C3 NAG D . -16.89 -12.81 25.64
C4 NAG D . -17.77 -12.44 24.44
C5 NAG D . -16.95 -11.78 23.33
C6 NAG D . -17.78 -11.32 22.15
C7 NAG D . -14.10 -12.13 27.70
C8 NAG D . -12.95 -12.97 28.25
N2 NAG D . -14.65 -12.54 26.55
O3 NAG D . -17.72 -12.93 26.79
O4 NAG D . -18.38 -13.65 23.94
O5 NAG D . -16.26 -10.64 23.87
O6 NAG D . -16.99 -11.28 20.96
O7 NAG D . -14.49 -11.14 28.31
C1 MAN D . -19.73 -13.66 23.61
C2 MAN D . -20.60 -13.33 24.84
C3 MAN D . -20.45 -14.39 25.95
C4 MAN D . -20.43 -15.84 25.42
C5 MAN D . -19.67 -15.98 24.10
C6 MAN D . -19.92 -17.33 23.44
O2 MAN D . -21.97 -13.22 24.46
O3 MAN D . -21.52 -14.26 26.88
O4 MAN D . -19.79 -16.65 26.40
O5 MAN D . -20.07 -14.96 23.15
O6 MAN D . -19.28 -18.37 24.17
C1 NAG E . 14.39 0.20 -23.23
C2 NAG E . 14.46 0.56 -24.72
C3 NAG E . 13.28 1.43 -25.18
C4 NAG E . 13.03 2.63 -24.25
C5 NAG E . 13.81 2.50 -22.93
C6 NAG E . 13.28 3.43 -21.85
C7 NAG E . 16.63 0.72 -25.76
C8 NAG E . 17.92 1.49 -25.93
N2 NAG E . 15.70 1.25 -24.96
O3 NAG E . 12.09 0.64 -25.25
O4 NAG E . 13.41 3.83 -24.92
O5 NAG E . 13.68 1.17 -22.44
O6 NAG E . 14.34 4.01 -21.10
O7 NAG E . 16.46 -0.35 -26.37
C1 NDG E . 13.10 4.60 -26.09
C2 NDG E . 13.75 5.93 -25.69
C3 NDG E . 14.20 6.74 -26.91
C4 NDG E . 13.95 5.98 -28.22
C5 NDG E . 12.50 5.47 -28.31
C6 NDG E . 12.31 4.51 -29.48
C7 NDG E . 13.13 6.76 -23.52
C8 NDG E . 12.21 7.61 -22.65
O5 NDG E . 12.09 4.76 -27.10
O3 NDG E . 15.59 7.00 -26.80
O4 NDG E . 14.20 6.85 -29.33
O6 NDG E . 11.17 4.86 -30.25
O7 NDG E . 14.07 6.16 -22.99
N2 NDG E . 12.89 6.72 -24.83
CHA HEM F . -0.25 5.50 3.48
CHB HEM F . -3.90 3.87 6.28
CHC HEM F . -5.87 1.50 2.70
CHD HEM F . -2.39 3.14 -0.06
C1A HEM F . -1.08 5.19 4.53
C2A HEM F . -0.87 5.74 5.88
C3A HEM F . -1.89 5.30 6.67
C4A HEM F . -2.75 4.47 5.83
CMA HEM F . -1.98 5.52 8.21
CAA HEM F . 0.37 6.60 6.31
CBA HEM F . -0.04 8.04 6.15
CGA HEM F . 1.15 8.97 6.32
O1A HEM F . 1.45 9.75 5.37
O2A HEM F . 1.74 9.00 7.44
C1B HEM F . -4.75 3.06 5.61
C2B HEM F . -5.79 2.18 6.15
C3B HEM F . -6.37 1.55 5.16
C4B HEM F . -5.63 1.94 3.94
CMB HEM F . -6.25 2.08 7.64
CAB HEM F . -7.56 0.52 5.23
CBB HEM F . -8.50 0.56 6.15
C1C HEM F . -5.08 1.75 1.64
C2C HEM F . -5.36 1.29 0.33
C3C HEM F . -4.43 1.79 -0.45
C4C HEM F . -3.53 2.54 0.36
CMC HEM F . -6.71 0.58 -0.05
CAC HEM F . -4.28 1.68 -2.03
CBC HEM F . -5.02 0.88 -2.89
C1D HEM F . -1.41 3.79 0.64
C2D HEM F . -0.17 4.23 0.08
C3D HEM F . 0.49 5.02 1.12
C4D HEM F . -0.39 4.89 2.25
CMD HEM F . 0.29 3.94 -1.35
CAD HEM F . 1.93 5.62 1.07
CBD HEM F . 2.79 4.48 1.78
CGD HEM F . 4.25 5.02 1.66
O1D HEM F . 4.75 5.63 2.67
O2D HEM F . 4.78 4.90 0.53
NA HEM F . -2.30 4.49 4.51
NB HEM F . -4.68 2.87 4.25
NC HEM F . -3.94 2.54 1.66
ND HEM F . -1.47 4.20 1.93
FE HEM F . -3.15 3.57 3.04
CA CA G . 8.78 -4.82 -3.11
I IOD H . 8.22 12.83 -8.07
I IOD I . -13.54 23.77 8.50
I IOD J . 4.33 -16.53 18.24
I IOD K . 0.87 -10.54 -16.40
I IOD L . -18.03 -21.62 2.19
I IOD M . 0.61 1.90 21.33
I IOD N . -17.23 -1.32 -14.72
N1 3TR O . -0.08 2.61 7.55
N2 3TR O . -0.34 2.80 6.36
C3 3TR O . -0.92 1.71 5.89
N4 3TR O . -1.00 0.80 6.84
C5 3TR O . -0.46 1.38 7.90
N3A 3TR O . -1.35 1.55 4.64
N1 3TR P . 1.99 1.87 11.18
N2 3TR P . 2.67 1.32 12.06
C3 3TR P . 2.42 0.02 12.01
N4 3TR P . 1.55 -0.23 11.05
C5 3TR P . 1.28 0.94 10.52
N3A 3TR P . 2.97 -0.89 12.80
C1 MRD Q . 22.95 -9.32 -21.87
C2 MRD Q . 22.75 -8.45 -20.63
O2 MRD Q . 23.08 -7.09 -20.93
CM MRD Q . 23.63 -8.96 -19.49
C3 MRD Q . 21.28 -8.50 -20.20
C4 MRD Q . 21.20 -8.73 -18.68
O4 MRD Q . 20.11 -9.62 -18.40
C5 MRD Q . 21.03 -7.41 -17.93
C1 PEG R . -2.35 30.61 13.98
O1 PEG R . -3.28 31.27 13.04
C2 PEG R . -2.27 31.50 15.27
O2 PEG R . -3.59 31.45 15.98
C3 PEG R . -3.81 32.68 16.83
C4 PEG R . -4.07 32.23 18.29
O4 PEG R . -5.51 32.24 18.43
#